data_5HQ3
#
_entry.id   5HQ3
#
_cell.length_a   89.534
_cell.length_b   89.534
_cell.length_c   395.305
_cell.angle_alpha   90.00
_cell.angle_beta   90.00
_cell.angle_gamma   90.00
#
_symmetry.space_group_name_H-M   'P 43 21 2'
#
loop_
_entity.id
_entity.type
_entity.pdbx_description
1 polymer Acetylcholinesterase
2 polymer Acetylcholinesterase
3 non-polymer 'O-ETHYLMETHYLPHOSPHONIC ACID ESTER GROUP'
4 non-polymer '2-(N-MORPHOLINO)-ETHANESULFONIC ACID'
5 water water
#
loop_
_entity_poly.entity_id
_entity_poly.type
_entity_poly.pdbx_seq_one_letter_code
_entity_poly.pdbx_strand_id
1 'polypeptide(L)'
;MEGREDAELLVTTRGGRLRGIRLTTPGGPVSAFLGIPFAEPPVGPRRFRPPEPKQPWSGVWDATTFQNVCYQYVDTLYPG
FEGTEMWNPNRNLSEDCLYLNVWTPYPRPKNPAPVMVWIYGGGFYSGSSSLDVYDGRFLVRTERVVLVSMNYRVGAFGFL
ALPGSREAPGNVGLLDQRLALQWVQENIAAFGGDPTSVTLFGESAGAASVGMHLLSPPSRGLFHRAILQSGAPNAPWAYV
SREEARRRALQLAKLVGCPPGGTGGNDTELVACLRNRPPQELVNHEWHVLPQESVFRFSFVPVVDGDFLPDTPEALINNG
DFKGLDVLVGVNKDEGSYFLVYGAPGFSKDNESLISREEFLEGVRVGVPQVSDLAAEAIVLHYTDWLHPEDPAKNRDALS
DVVGDHNVICPVAQFAQRYAANGARVYAYVFEHRSSTLPWPEWMGVPHGYEIEFIFGIPLDPSRNYTKEEKIFARRLMRY
WANFARTGDPNEPRDPKAPQWPPYTADEQKYVSLDLRPLEVRRGLRAQACAFWNRFLPKLLSATDTLD
;
A
2 'polypeptide(L)'
;MEGREDAELLVTTRGGRLRGIRLTTPGGPVSAFLGIPFAEPPVGPRRFRPPEPKQPWSGVWDATTFQNVCYQYVDTLYPG
FEGTEMWNPNRNLSEDCLYLNVWTPYPRPKNPAPVMVWIYGGGFYSGSSSLDVYDGRFLVRTERVVLVSMNYRVGAFGFL
ALPGSREAPGNVGLLDQRLALQWVQENIAAFGGDPTSVTLFGESAGAASVGMHLLSPPSRGLFHRAILQSGAPNAPWAYV
SREEARRRALQLAKLVGCPPGGTGGNDTELVACLRNRPPQELVNHEWHVLPQESVFRFSFVPVVDGDFLPDTPEALINNG
DFKGLDVLVGVNKDEGSYFLVYGAPGFSKDNESLISREEFLEGVRVGVPQVSDLAAEAIVLHYTDWLHPEDPAKNRDALS
DVVGDHNVICPVAQFAQRYAANGARVYAYVFEHRSSTLPWPEWMGVPHGYEIEFIFGIPLDPSRNYTKEEKIFARRLMRY
WANFARTGDPNEPRDPKAPQWPPYTADEQKYVSLDLRPLEVRRGLRAQACAFWNRFLPKLLSATDTLDE
;
B
#
loop_
_chem_comp.id
_chem_comp.type
_chem_comp.name
_chem_comp.formula
MES non-polymer '2-(N-MORPHOLINO)-ETHANESULFONIC ACID' 'C6 H13 N O4 S'
VX non-polymer 'O-ETHYLMETHYLPHOSPHONIC ACID ESTER GROUP' 'C3 H9 O3 P'
#
# COMPACT_ATOMS: atom_id res chain seq x y z
N ASP A 6 14.99 27.99 -55.71
CA ASP A 6 13.97 28.81 -54.96
C ASP A 6 12.47 28.47 -55.13
N ALA A 7 12.09 27.44 -55.91
CA ALA A 7 10.68 27.13 -55.99
C ALA A 7 10.24 26.59 -54.62
N GLU A 8 9.11 27.10 -54.17
CA GLU A 8 8.47 26.75 -52.93
C GLU A 8 9.18 27.26 -51.66
N LEU A 9 10.18 28.15 -51.85
CA LEU A 9 10.90 28.79 -50.76
C LEU A 9 10.49 30.25 -50.47
N LEU A 10 9.73 30.83 -51.36
CA LEU A 10 9.12 32.13 -51.13
C LEU A 10 7.62 32.01 -50.88
N VAL A 11 7.16 32.31 -49.69
CA VAL A 11 5.77 32.13 -49.40
C VAL A 11 5.23 33.41 -48.79
N THR A 12 4.01 33.74 -49.14
CA THR A 12 3.37 34.92 -48.65
C THR A 12 2.43 34.54 -47.50
N THR A 13 2.50 35.30 -46.42
CA THR A 13 1.65 35.10 -45.23
C THR A 13 1.09 36.46 -44.87
N ARG A 14 0.25 36.51 -43.83
CA ARG A 14 -0.41 37.78 -43.50
C ARG A 14 0.57 38.84 -43.14
N GLY A 15 1.58 38.48 -42.34
CA GLY A 15 2.63 39.41 -41.98
C GLY A 15 3.50 39.83 -43.15
N GLY A 16 3.56 39.02 -44.19
CA GLY A 16 4.38 39.35 -45.34
C GLY A 16 5.06 38.18 -45.99
N ARG A 17 5.94 38.50 -46.93
CA ARG A 17 6.70 37.53 -47.65
C ARG A 17 7.87 36.94 -46.80
N LEU A 18 8.04 35.63 -46.91
CA LEU A 18 9.10 34.92 -46.21
C LEU A 18 10.02 34.19 -47.19
N ARG A 19 11.29 34.02 -46.83
CA ARG A 19 12.16 33.17 -47.60
C ARG A 19 12.62 32.02 -46.73
N GLY A 20 12.34 30.79 -47.20
CA GLY A 20 12.71 29.58 -46.47
C GLY A 20 14.02 29.02 -46.96
N ILE A 21 14.35 27.81 -46.51
CA ILE A 21 15.56 27.13 -46.90
C ILE A 21 15.32 25.64 -47.15
N ARG A 22 16.04 25.05 -48.08
CA ARG A 22 15.87 23.63 -48.34
C ARG A 22 16.75 22.83 -47.43
N LEU A 23 16.15 21.93 -46.68
CA LEU A 23 16.89 20.98 -45.84
C LEU A 23 16.85 19.61 -46.53
N THR A 24 17.88 18.82 -46.31
CA THR A 24 18.00 17.53 -46.96
C THR A 24 17.88 16.42 -45.92
N THR A 25 17.46 15.25 -46.37
CA THR A 25 17.38 14.03 -45.56
C THR A 25 17.64 12.90 -46.54
N PRO A 26 18.12 11.76 -46.08
CA PRO A 26 18.28 10.57 -46.96
C PRO A 26 17.03 10.21 -47.76
N GLY A 27 15.85 10.33 -47.14
CA GLY A 27 14.56 10.17 -47.86
C GLY A 27 14.12 11.33 -48.76
N GLY A 28 14.95 12.38 -48.93
CA GLY A 28 14.56 13.54 -49.75
C GLY A 28 14.31 14.88 -49.05
N PRO A 29 14.03 15.90 -49.83
CA PRO A 29 14.01 17.29 -49.32
C PRO A 29 12.70 17.76 -48.62
N VAL A 30 12.90 18.77 -47.79
CA VAL A 30 11.89 19.44 -47.00
C VAL A 30 12.14 20.95 -47.13
N SER A 31 11.06 21.74 -47.14
CA SER A 31 11.19 23.22 -47.11
C SER A 31 10.96 23.72 -45.68
N ALA A 32 11.96 24.37 -45.10
CA ALA A 32 11.87 24.92 -43.76
C ALA A 32 11.87 26.42 -43.78
N PHE A 33 11.07 26.98 -42.89
CA PHE A 33 10.91 28.42 -42.67
C PHE A 33 11.11 28.63 -41.19
N LEU A 34 12.26 29.17 -40.83
CA LEU A 34 12.63 29.24 -39.44
C LEU A 34 12.70 30.70 -39.02
N GLY A 35 12.37 30.95 -37.76
CA GLY A 35 12.51 32.29 -37.21
C GLY A 35 11.46 33.21 -37.79
N ILE A 36 10.24 32.69 -37.97
CA ILE A 36 9.11 33.52 -38.39
C ILE A 36 8.59 34.26 -37.19
N PRO A 37 8.52 35.58 -37.25
CA PRO A 37 8.02 36.36 -36.14
C PRO A 37 6.55 36.27 -36.01
N PHE A 38 6.00 35.99 -34.85
CA PHE A 38 4.54 35.98 -34.72
C PHE A 38 3.98 36.99 -33.73
N ALA A 39 4.85 37.66 -32.99
CA ALA A 39 4.48 38.67 -32.03
C ALA A 39 5.45 39.84 -32.15
N GLU A 40 5.04 41.02 -31.66
CA GLU A 40 5.99 42.08 -31.49
C GLU A 40 6.87 41.66 -30.33
N PRO A 41 8.16 41.96 -30.40
CA PRO A 41 9.00 41.51 -29.31
C PRO A 41 8.51 41.99 -27.94
N PRO A 42 8.29 41.07 -26.98
CA PRO A 42 7.82 41.37 -25.62
C PRO A 42 8.92 41.96 -24.76
N VAL A 43 9.33 43.15 -25.14
CA VAL A 43 10.52 43.82 -24.61
C VAL A 43 10.14 45.15 -23.90
N GLY A 44 11.01 45.64 -23.02
CA GLY A 44 10.79 46.87 -22.25
C GLY A 44 9.43 46.90 -21.55
N PRO A 45 8.55 47.88 -21.90
CA PRO A 45 7.20 47.99 -21.31
C PRO A 45 6.30 46.80 -21.60
N ARG A 46 6.62 46.02 -22.63
CA ARG A 46 5.87 44.78 -22.88
C ARG A 46 6.33 43.55 -22.06
N ARG A 47 7.25 43.72 -21.11
CA ARG A 47 7.65 42.57 -20.32
C ARG A 47 6.52 42.21 -19.34
N PHE A 48 6.31 40.90 -19.20
CA PHE A 48 5.14 40.32 -18.51
C PHE A 48 3.76 40.60 -19.17
N ARG A 49 3.71 41.39 -20.25
CA ARG A 49 2.43 41.65 -20.85
C ARG A 49 2.07 40.58 -21.87
N PRO A 50 0.80 40.44 -22.16
CA PRO A 50 0.48 39.52 -23.22
C PRO A 50 1.17 39.87 -24.52
N PRO A 51 1.20 38.95 -25.45
CA PRO A 51 1.88 39.20 -26.69
C PRO A 51 0.93 39.82 -27.68
N GLU A 52 1.45 40.68 -28.53
CA GLU A 52 0.65 41.31 -29.56
C GLU A 52 1.07 40.83 -30.93
N PRO A 53 0.13 40.73 -31.86
CA PRO A 53 0.57 40.16 -33.12
C PRO A 53 1.65 40.98 -33.78
N LYS A 54 2.53 40.30 -34.49
CA LYS A 54 3.56 40.94 -35.28
C LYS A 54 2.95 41.83 -36.38
N GLN A 55 3.25 43.11 -36.35
CA GLN A 55 2.87 44.01 -37.43
C GLN A 55 3.51 43.55 -38.74
N PRO A 56 2.81 43.74 -39.87
CA PRO A 56 3.44 43.44 -41.16
C PRO A 56 4.81 44.08 -41.33
N TRP A 57 5.83 43.27 -41.54
CA TRP A 57 7.11 43.73 -42.00
C TRP A 57 6.81 43.98 -43.45
N SER A 58 7.64 44.77 -44.10
CA SER A 58 7.39 44.93 -45.49
C SER A 58 8.51 44.13 -46.20
N GLY A 59 8.32 43.87 -47.48
CA GLY A 59 9.27 43.10 -48.27
C GLY A 59 9.42 41.67 -47.81
N VAL A 60 10.65 41.19 -47.85
CA VAL A 60 10.99 39.78 -47.67
C VAL A 60 11.74 39.56 -46.35
N TRP A 61 11.16 38.77 -45.45
CA TRP A 61 11.80 38.38 -44.18
C TRP A 61 12.56 37.06 -44.35
N ASP A 62 13.89 37.09 -44.18
CA ASP A 62 14.72 35.89 -44.25
C ASP A 62 14.34 34.95 -43.13
N ALA A 63 13.95 33.74 -43.51
CA ALA A 63 13.55 32.68 -42.61
C ALA A 63 14.42 31.44 -42.77
N THR A 64 15.74 31.61 -42.82
CA THR A 64 16.64 30.50 -43.06
C THR A 64 17.41 30.04 -41.85
N THR A 65 17.26 30.78 -40.77
CA THR A 65 17.98 30.44 -39.54
C THR A 65 17.05 30.58 -38.33
N PHE A 66 17.40 29.89 -37.27
CA PHE A 66 16.68 30.05 -36.04
C PHE A 66 17.06 31.37 -35.44
N GLN A 67 16.22 31.81 -34.51
CA GLN A 67 16.31 33.09 -33.86
C GLN A 67 16.74 32.97 -32.45
N ASN A 68 16.90 34.10 -31.81
CA ASN A 68 17.24 34.10 -30.41
C ASN A 68 16.26 33.24 -29.63
N VAL A 69 16.77 32.65 -28.57
CA VAL A 69 16.06 31.80 -27.60
C VAL A 69 15.68 32.66 -26.38
N CYS A 70 14.54 32.36 -25.73
CA CYS A 70 14.08 33.20 -24.64
CA CYS A 70 14.06 33.16 -24.55
C CYS A 70 15.10 33.12 -23.45
N TYR A 71 15.34 34.28 -22.85
CA TYR A 71 16.31 34.41 -21.76
C TYR A 71 15.87 33.39 -20.68
N GLN A 72 16.84 32.59 -20.22
CA GLN A 72 16.57 31.48 -19.35
C GLN A 72 17.83 31.03 -18.71
N TYR A 73 17.65 30.23 -17.67
CA TYR A 73 18.70 29.61 -16.92
C TYR A 73 19.43 28.62 -17.76
N VAL A 74 20.74 28.59 -17.56
CA VAL A 74 21.64 27.64 -18.22
C VAL A 74 22.10 26.59 -17.21
N ASP A 75 21.80 25.31 -17.48
CA ASP A 75 22.13 24.27 -16.55
C ASP A 75 23.62 24.06 -16.44
N THR A 76 24.12 24.01 -15.21
CA THR A 76 25.57 23.86 -14.94
C THR A 76 25.93 22.62 -14.09
N LEU A 77 24.98 21.72 -13.86
CA LEU A 77 25.26 20.55 -13.06
C LEU A 77 26.43 19.77 -13.61
N TYR A 78 26.50 19.57 -14.92
CA TYR A 78 27.53 18.70 -15.52
C TYR A 78 28.09 19.34 -16.78
N PRO A 79 28.91 20.38 -16.62
CA PRO A 79 29.40 21.15 -17.79
C PRO A 79 30.08 20.28 -18.81
N GLY A 80 29.70 20.39 -20.08
CA GLY A 80 30.25 19.55 -21.16
C GLY A 80 29.52 18.23 -21.38
N PHE A 81 28.70 17.78 -20.42
CA PHE A 81 27.99 16.55 -20.55
C PHE A 81 26.86 16.63 -21.59
N GLU A 82 26.81 15.69 -22.51
CA GLU A 82 25.82 15.70 -23.59
C GLU A 82 24.40 15.53 -23.02
N GLY A 83 24.29 14.78 -21.91
CA GLY A 83 22.98 14.44 -21.34
C GLY A 83 22.20 15.63 -20.82
N THR A 84 22.92 16.68 -20.41
CA THR A 84 22.37 17.96 -19.95
C THR A 84 22.49 19.05 -21.03
N GLU A 85 23.63 19.16 -21.68
CA GLU A 85 23.86 20.25 -22.62
C GLU A 85 22.90 20.19 -23.81
N MET A 86 22.47 19.01 -24.21
CA MET A 86 21.50 18.88 -25.33
C MET A 86 20.14 19.62 -25.03
N TRP A 87 19.91 19.91 -23.76
CA TRP A 87 18.76 20.69 -23.36
C TRP A 87 19.08 22.16 -23.17
N ASN A 88 20.35 22.51 -23.06
CA ASN A 88 20.69 23.93 -22.89
C ASN A 88 20.47 24.75 -24.16
N PRO A 89 20.26 26.06 -24.01
CA PRO A 89 20.16 26.94 -25.16
C PRO A 89 21.37 26.80 -26.11
N ASN A 90 21.09 26.87 -27.40
CA ASN A 90 22.08 26.73 -28.45
C ASN A 90 22.03 27.93 -29.36
N ARG A 91 21.59 29.06 -28.82
CA ARG A 91 21.59 30.34 -29.53
C ARG A 91 21.63 31.43 -28.47
N ASN A 92 21.86 32.66 -28.93
CA ASN A 92 22.01 33.79 -28.07
C ASN A 92 20.69 33.95 -27.33
N LEU A 93 20.73 34.50 -26.13
CA LEU A 93 19.54 34.60 -25.31
C LEU A 93 18.94 35.97 -25.42
N SER A 94 17.62 36.04 -25.44
CA SER A 94 16.97 37.32 -25.60
C SER A 94 15.48 37.34 -25.22
N GLU A 95 15.01 38.50 -24.91
CA GLU A 95 13.60 38.68 -24.70
C GLU A 95 12.90 38.75 -26.05
N ASP A 96 13.60 39.27 -27.07
CA ASP A 96 13.15 39.26 -28.45
C ASP A 96 13.26 37.83 -28.92
N CYS A 97 12.25 37.00 -28.58
CA CYS A 97 12.34 35.57 -28.89
C CYS A 97 11.09 34.91 -29.45
N LEU A 98 10.06 35.67 -29.76
CA LEU A 98 8.78 35.09 -30.14
C LEU A 98 8.74 34.87 -31.62
N TYR A 99 9.35 33.75 -32.03
CA TYR A 99 9.44 33.30 -33.42
C TYR A 99 9.03 31.84 -33.49
N LEU A 100 8.57 31.41 -34.67
CA LEU A 100 8.14 30.05 -34.87
C LEU A 100 8.70 29.49 -36.17
N ASN A 101 8.57 28.18 -36.32
CA ASN A 101 9.20 27.41 -37.39
C ASN A 101 8.19 26.52 -38.06
N VAL A 102 8.25 26.44 -39.38
CA VAL A 102 7.36 25.58 -40.15
C VAL A 102 8.23 24.69 -41.08
N TRP A 103 8.07 23.40 -41.00
CA TRP A 103 8.65 22.52 -41.98
C TRP A 103 7.55 21.91 -42.80
N THR A 104 7.71 21.95 -44.11
CA THR A 104 6.78 21.27 -45.01
C THR A 104 7.51 20.53 -46.14
N PRO A 105 6.90 19.45 -46.64
CA PRO A 105 7.49 18.70 -47.74
C PRO A 105 7.74 19.50 -49.05
N TYR A 106 8.75 19.08 -49.81
CA TYR A 106 9.02 19.61 -51.14
C TYR A 106 8.85 18.50 -52.19
N PRO A 107 7.95 18.65 -53.13
CA PRO A 107 7.00 19.77 -53.22
C PRO A 107 5.93 19.65 -52.16
N ARG A 108 5.15 20.70 -51.98
CA ARG A 108 4.08 20.66 -51.03
C ARG A 108 3.07 19.68 -51.53
N PRO A 109 2.38 19.01 -50.63
CA PRO A 109 1.36 18.03 -51.10
C PRO A 109 0.25 18.66 -51.96
N LYS A 110 -0.29 17.86 -52.88
CA LYS A 110 -1.40 18.25 -53.77
C LYS A 110 -2.55 18.63 -52.83
N ASN A 111 -2.73 17.83 -51.77
CA ASN A 111 -3.81 18.03 -50.82
C ASN A 111 -3.36 18.50 -49.45
N PRO A 112 -4.14 19.47 -48.89
CA PRO A 112 -3.85 20.05 -47.60
C PRO A 112 -3.54 18.97 -46.60
N ALA A 113 -2.43 19.12 -45.91
CA ALA A 113 -1.83 18.07 -45.14
C ALA A 113 -2.04 18.34 -43.68
N PRO A 114 -2.01 17.27 -42.90
CA PRO A 114 -2.18 17.41 -41.47
C PRO A 114 -1.02 18.16 -40.75
N VAL A 115 -1.36 18.96 -39.76
CA VAL A 115 -0.45 19.82 -39.10
C VAL A 115 -0.16 19.28 -37.73
N MET A 116 1.11 19.17 -37.37
CA MET A 116 1.46 18.80 -36.01
C MET A 116 2.14 20.00 -35.39
N VAL A 117 1.71 20.39 -34.18
CA VAL A 117 2.30 21.55 -33.54
C VAL A 117 2.96 21.19 -32.22
N TRP A 118 4.27 21.37 -32.20
CA TRP A 118 5.07 20.95 -31.10
C TRP A 118 5.30 22.06 -30.07
N ILE A 119 5.17 21.69 -28.79
CA ILE A 119 5.42 22.58 -27.71
C ILE A 119 6.49 21.94 -26.82
N TYR A 120 7.62 22.56 -26.75
CA TYR A 120 8.72 22.00 -25.99
C TYR A 120 8.48 22.08 -24.48
N GLY A 121 9.17 21.20 -23.74
CA GLY A 121 9.21 21.28 -22.30
C GLY A 121 10.46 21.99 -21.82
N GLY A 122 10.76 21.81 -20.54
CA GLY A 122 11.79 22.59 -19.82
C GLY A 122 11.31 23.22 -18.52
N GLY A 123 10.30 22.58 -17.90
CA GLY A 123 9.65 23.07 -16.67
C GLY A 123 9.11 24.49 -16.65
N PHE A 124 8.78 25.01 -17.81
CA PHE A 124 8.38 26.42 -17.98
C PHE A 124 9.50 27.34 -17.60
N TYR A 125 10.66 26.80 -17.24
CA TYR A 125 11.83 27.64 -16.94
C TYR A 125 12.84 27.64 -18.09
N SER A 126 12.69 26.72 -19.06
CA SER A 126 13.72 26.51 -20.09
C SER A 126 13.19 25.96 -21.38
N GLY A 127 14.02 25.98 -22.41
CA GLY A 127 13.68 25.33 -23.67
C GLY A 127 13.72 26.26 -24.82
N SER A 128 13.69 25.66 -26.01
CA SER A 128 13.70 26.39 -27.27
C SER A 128 13.32 25.50 -28.37
N SER A 129 12.78 26.13 -29.40
CA SER A 129 12.28 25.37 -30.52
C SER A 129 13.50 24.95 -31.35
N SER A 130 14.68 25.50 -31.00
CA SER A 130 15.89 25.32 -31.84
C SER A 130 16.78 24.14 -31.49
N LEU A 131 16.42 23.37 -30.49
CA LEU A 131 17.30 22.27 -30.10
C LEU A 131 17.40 21.22 -31.19
N ASP A 132 18.57 20.58 -31.25
CA ASP A 132 18.92 19.61 -32.31
C ASP A 132 17.90 18.53 -32.30
N VAL A 133 17.50 18.17 -31.09
CA VAL A 133 16.56 17.07 -30.89
C VAL A 133 15.11 17.33 -31.34
N TYR A 134 14.72 18.58 -31.61
CA TYR A 134 13.38 18.94 -32.12
C TYR A 134 13.37 19.18 -33.64
N ASP A 135 14.44 18.83 -34.32
CA ASP A 135 14.55 19.00 -35.77
C ASP A 135 13.46 18.23 -36.48
N GLY A 136 12.71 18.98 -37.28
CA GLY A 136 11.44 18.52 -37.81
C GLY A 136 11.56 17.86 -39.15
N ARG A 137 12.74 17.92 -39.74
CA ARG A 137 12.88 17.41 -41.10
C ARG A 137 12.44 15.97 -41.32
N PHE A 138 12.67 15.07 -40.36
CA PHE A 138 12.45 13.64 -40.59
C PHE A 138 10.99 13.19 -40.52
N LEU A 139 10.24 13.78 -39.57
CA LEU A 139 8.79 13.53 -39.46
C LEU A 139 8.12 14.03 -40.69
N VAL A 140 8.56 15.19 -41.14
CA VAL A 140 7.91 15.80 -42.23
C VAL A 140 8.17 14.98 -43.47
N ARG A 141 9.42 14.58 -43.71
CA ARG A 141 9.73 13.87 -44.93
C ARG A 141 9.08 12.50 -44.90
N THR A 142 9.23 11.81 -43.77
CA THR A 142 8.70 10.47 -43.69
C THR A 142 7.17 10.39 -43.80
N GLU A 143 6.45 11.23 -43.03
CA GLU A 143 4.99 11.07 -42.89
C GLU A 143 4.16 12.15 -43.60
N ARG A 144 4.83 13.11 -44.19
CA ARG A 144 4.18 14.04 -45.10
C ARG A 144 3.11 14.83 -44.34
N VAL A 145 3.55 15.28 -43.20
CA VAL A 145 2.84 16.05 -42.21
C VAL A 145 3.47 17.45 -42.34
N VAL A 146 2.75 18.52 -42.02
CA VAL A 146 3.38 19.84 -41.90
C VAL A 146 3.61 20.07 -40.43
N LEU A 147 4.78 20.55 -40.05
CA LEU A 147 5.11 20.62 -38.64
C LEU A 147 5.46 22.02 -38.28
N VAL A 148 4.95 22.45 -37.12
CA VAL A 148 5.24 23.75 -36.57
C VAL A 148 5.78 23.65 -35.18
N SER A 149 6.65 24.56 -34.83
CA SER A 149 7.05 24.71 -33.46
C SER A 149 7.25 26.20 -33.17
N MET A 150 7.11 26.58 -31.91
CA MET A 150 7.29 27.95 -31.51
C MET A 150 8.13 28.10 -30.27
N ASN A 151 8.83 29.21 -30.22
CA ASN A 151 9.34 29.67 -28.98
C ASN A 151 8.22 30.32 -28.21
N TYR A 152 8.22 30.09 -26.90
CA TYR A 152 7.31 30.73 -25.95
C TYR A 152 8.13 31.21 -24.76
N ARG A 153 7.79 32.34 -24.15
CA ARG A 153 8.56 32.80 -22.99
C ARG A 153 8.44 31.86 -21.79
N VAL A 154 9.51 31.87 -20.98
CA VAL A 154 9.66 31.00 -19.85
C VAL A 154 10.20 31.76 -18.67
N GLY A 155 10.34 31.08 -17.53
CA GLY A 155 10.80 31.73 -16.32
C GLY A 155 9.91 32.89 -15.91
N ALA A 156 10.50 33.88 -15.25
CA ALA A 156 9.67 35.00 -14.85
C ALA A 156 9.09 35.65 -16.07
N PHE A 157 9.80 35.57 -17.18
CA PHE A 157 9.40 36.35 -18.40
C PHE A 157 8.12 35.86 -18.94
N GLY A 158 7.87 34.55 -18.82
CA GLY A 158 6.64 33.95 -19.31
C GLY A 158 5.54 33.65 -18.27
N PHE A 159 5.89 33.53 -16.97
CA PHE A 159 4.91 33.14 -15.99
C PHE A 159 4.89 33.91 -14.65
N LEU A 160 5.68 34.94 -14.50
CA LEU A 160 5.54 35.75 -13.31
C LEU A 160 4.21 36.51 -13.37
N ALA A 161 3.52 36.51 -12.24
CA ALA A 161 2.14 36.98 -12.13
C ALA A 161 1.95 37.78 -10.84
N LEU A 162 1.37 38.96 -10.97
CA LEU A 162 0.71 39.59 -9.83
C LEU A 162 -0.76 39.59 -10.21
N PRO A 163 -1.49 38.52 -9.81
CA PRO A 163 -2.86 38.24 -10.34
C PRO A 163 -3.82 39.33 -9.96
N GLY A 164 -4.65 39.71 -10.94
CA GLY A 164 -5.45 40.92 -10.84
C GLY A 164 -4.91 42.14 -11.57
N SER A 165 -3.59 42.21 -11.80
CA SER A 165 -3.01 43.35 -12.50
C SER A 165 -3.14 43.16 -13.98
N ARG A 166 -3.24 44.24 -14.74
CA ARG A 166 -3.23 44.11 -16.21
C ARG A 166 -1.76 44.21 -16.68
N GLU A 167 -0.85 44.48 -15.75
CA GLU A 167 0.59 44.65 -16.09
C GLU A 167 1.42 43.35 -15.94
N ALA A 168 0.92 42.41 -15.15
CA ALA A 168 1.49 41.09 -15.03
C ALA A 168 0.42 40.07 -14.66
N PRO A 169 -0.48 39.79 -15.60
CA PRO A 169 -1.68 38.94 -15.40
C PRO A 169 -1.45 37.46 -15.26
N GLY A 170 -0.23 37.00 -15.55
CA GLY A 170 0.10 35.58 -15.51
C GLY A 170 -0.15 34.92 -16.87
N ASN A 171 0.35 33.69 -17.00
CA ASN A 171 0.13 32.88 -18.19
C ASN A 171 0.54 33.42 -19.58
N VAL A 172 1.42 34.41 -19.64
CA VAL A 172 1.75 35.02 -20.94
C VAL A 172 2.54 34.08 -21.85
N GLY A 173 3.30 33.14 -21.28
CA GLY A 173 3.96 32.10 -22.05
C GLY A 173 2.96 31.18 -22.75
N LEU A 174 1.84 30.92 -22.10
CA LEU A 174 0.79 30.11 -22.71
C LEU A 174 0.12 30.95 -23.77
N LEU A 175 -0.04 32.23 -23.51
CA LEU A 175 -0.60 33.10 -24.56
C LEU A 175 0.33 33.19 -25.76
N ASP A 176 1.64 33.11 -25.54
CA ASP A 176 2.60 33.05 -26.63
C ASP A 176 2.23 31.86 -27.49
N GLN A 177 2.05 30.72 -26.86
CA GLN A 177 1.70 29.51 -27.58
C GLN A 177 0.38 29.66 -28.35
N ARG A 178 -0.60 30.32 -27.72
CA ARG A 178 -1.92 30.49 -28.33
C ARG A 178 -1.80 31.35 -29.56
N LEU A 179 -1.07 32.44 -29.45
CA LEU A 179 -0.95 33.33 -30.60
C LEU A 179 -0.29 32.60 -31.81
N ALA A 180 0.64 31.70 -31.50
CA ALA A 180 1.26 30.86 -32.54
C ALA A 180 0.22 30.00 -33.16
N LEU A 181 -0.62 29.39 -32.34
CA LEU A 181 -1.75 28.61 -32.85
C LEU A 181 -2.71 29.40 -33.75
N GLN A 182 -2.91 30.70 -33.45
CA GLN A 182 -3.74 31.57 -34.28
C GLN A 182 -3.04 31.85 -35.58
N TRP A 183 -1.76 32.15 -35.50
CA TRP A 183 -0.95 32.26 -36.73
C TRP A 183 -1.09 31.02 -37.64
N VAL A 184 -1.07 29.83 -37.05
CA VAL A 184 -1.23 28.61 -37.82
C VAL A 184 -2.60 28.60 -38.52
N GLN A 185 -3.67 28.86 -37.78
CA GLN A 185 -5.00 28.91 -38.42
C GLN A 185 -5.00 29.90 -39.60
N GLU A 186 -4.43 31.06 -39.41
CA GLU A 186 -4.46 32.05 -40.46
C GLU A 186 -3.49 31.80 -41.59
N ASN A 187 -2.44 31.02 -41.36
CA ASN A 187 -1.37 30.94 -42.37
C ASN A 187 -0.90 29.56 -42.88
N ILE A 188 -1.11 28.42 -42.19
CA ILE A 188 -0.41 27.20 -42.64
C ILE A 188 -0.83 26.72 -44.03
N ALA A 189 -2.00 27.11 -44.50
CA ALA A 189 -2.43 26.76 -45.84
C ALA A 189 -1.41 27.20 -46.87
N ALA A 190 -0.67 28.26 -46.61
CA ALA A 190 0.26 28.70 -47.62
C ALA A 190 1.45 27.76 -47.67
N PHE A 191 1.65 27.00 -46.59
CA PHE A 191 2.67 25.94 -46.52
C PHE A 191 2.17 24.55 -46.89
N GLY A 192 0.94 24.47 -47.36
CA GLY A 192 0.32 23.17 -47.65
C GLY A 192 -0.34 22.56 -46.44
N GLY A 193 -0.42 23.27 -45.32
CA GLY A 193 -1.00 22.66 -44.14
C GLY A 193 -2.51 22.85 -44.09
N ASP A 194 -3.20 21.88 -43.49
CA ASP A 194 -4.66 21.89 -43.28
C ASP A 194 -5.11 22.50 -41.94
N PRO A 195 -5.61 23.74 -41.95
CA PRO A 195 -5.97 24.31 -40.65
C PRO A 195 -7.06 23.56 -39.92
N THR A 196 -7.80 22.71 -40.60
CA THR A 196 -8.87 21.98 -39.91
C THR A 196 -8.40 20.70 -39.29
N SER A 197 -7.08 20.45 -39.31
CA SER A 197 -6.50 19.23 -38.71
C SER A 197 -5.17 19.52 -38.06
N VAL A 198 -5.22 20.05 -36.86
CA VAL A 198 -4.07 20.53 -36.14
C VAL A 198 -4.01 19.70 -34.89
N THR A 199 -2.89 19.03 -34.70
CA THR A 199 -2.69 18.14 -33.59
C THR A 199 -1.61 18.77 -32.80
N LEU A 200 -1.90 19.16 -31.56
CA LEU A 200 -0.84 19.62 -30.67
C LEU A 200 -0.13 18.45 -30.07
N PHE A 201 1.19 18.55 -29.92
CA PHE A 201 1.94 17.57 -29.13
C PHE A 201 3.04 18.22 -28.33
N GLY A 202 3.32 17.66 -27.16
CA GLY A 202 4.36 18.22 -26.34
C GLY A 202 4.79 17.30 -25.24
N GLU A 203 5.86 17.67 -24.56
CA GLU A 203 6.51 16.77 -23.61
C GLU A 203 6.80 17.47 -22.28
N SER A 204 6.54 16.81 -21.13
CA SER A 204 6.77 17.43 -19.77
C SER A 204 5.88 18.70 -19.68
N ALA A 205 6.47 19.85 -19.41
CA ALA A 205 5.78 21.10 -19.50
C ALA A 205 5.11 21.42 -20.85
N GLY A 206 5.68 20.98 -21.95
CA GLY A 206 5.01 21.09 -23.25
C GLY A 206 3.70 20.32 -23.17
N ALA A 207 3.70 19.17 -22.50
CA ALA A 207 2.50 18.34 -22.41
C ALA A 207 1.47 18.94 -21.46
N ALA A 208 1.93 19.49 -20.37
CA ALA A 208 1.07 20.27 -19.51
C ALA A 208 0.51 21.49 -20.23
N SER A 209 1.28 22.08 -21.12
CA SER A 209 0.80 23.22 -21.88
C SER A 209 -0.31 22.74 -22.77
N VAL A 210 -0.17 21.55 -23.32
CA VAL A 210 -1.18 21.03 -24.21
C VAL A 210 -2.45 20.75 -23.43
N GLY A 211 -2.29 20.25 -22.22
CA GLY A 211 -3.45 20.10 -21.33
C GLY A 211 -4.21 21.40 -21.13
N MET A 212 -3.49 22.48 -20.91
CA MET A 212 -4.11 23.75 -20.64
C MET A 212 -4.83 24.31 -21.85
N HIS A 213 -4.26 24.20 -23.03
CA HIS A 213 -5.01 24.58 -24.22
C HIS A 213 -6.34 23.81 -24.36
N LEU A 214 -6.33 22.52 -24.09
CA LEU A 214 -7.56 21.73 -24.07
C LEU A 214 -8.62 22.30 -23.11
N LEU A 215 -8.18 22.97 -22.05
CA LEU A 215 -9.08 23.40 -21.03
C LEU A 215 -9.29 24.91 -21.04
N SER A 216 -8.59 25.66 -21.88
CA SER A 216 -8.74 27.13 -21.91
C SER A 216 -9.66 27.48 -23.04
N PRO A 217 -10.78 28.16 -22.73
CA PRO A 217 -11.83 28.24 -23.74
C PRO A 217 -11.40 28.85 -25.06
N PRO A 218 -10.67 29.99 -25.02
CA PRO A 218 -10.21 30.61 -26.28
C PRO A 218 -9.13 29.85 -27.05
N SER A 219 -8.65 28.73 -26.53
CA SER A 219 -7.74 27.94 -27.35
C SER A 219 -8.46 26.84 -28.11
N ARG A 220 -9.66 26.48 -27.71
CA ARG A 220 -10.20 25.19 -28.12
C ARG A 220 -10.58 25.04 -29.61
N GLY A 221 -10.91 26.13 -30.31
CA GLY A 221 -11.10 26.10 -31.75
C GLY A 221 -9.82 26.15 -32.58
N LEU A 222 -8.64 26.14 -31.94
CA LEU A 222 -7.33 26.25 -32.59
C LEU A 222 -6.62 24.91 -32.84
N PHE A 223 -7.16 23.82 -32.35
CA PHE A 223 -6.58 22.52 -32.70
C PHE A 223 -7.64 21.45 -32.57
N HIS A 224 -7.36 20.19 -32.92
CA HIS A 224 -8.42 19.17 -32.96
C HIS A 224 -8.18 17.93 -32.14
N ARG A 225 -6.90 17.63 -31.92
CA ARG A 225 -6.45 16.36 -31.32
C ARG A 225 -5.26 16.74 -30.52
N ALA A 226 -4.95 15.97 -29.48
CA ALA A 226 -3.80 16.30 -28.66
C ALA A 226 -2.96 15.12 -28.31
N ILE A 227 -1.69 15.39 -28.01
CA ILE A 227 -0.80 14.35 -27.53
C ILE A 227 0.01 14.85 -26.36
N LEU A 228 0.01 14.11 -25.29
CA LEU A 228 0.74 14.49 -24.09
C LEU A 228 1.79 13.43 -23.68
N GLN A 229 3.05 13.80 -23.86
CA GLN A 229 4.17 12.91 -23.60
C GLN A 229 4.78 13.27 -22.27
N SER A 230 4.77 12.34 -21.31
CA SER A 230 5.39 12.54 -19.99
C SER A 230 4.97 13.84 -19.26
N GLY A 231 3.68 14.17 -19.32
CA GLY A 231 3.20 15.34 -18.61
C GLY A 231 1.69 15.52 -18.68
N ALA A 232 1.14 16.23 -17.69
CA ALA A 232 -0.28 16.52 -17.63
C ALA A 232 -0.52 17.81 -16.91
N PRO A 233 -1.60 18.52 -17.27
CA PRO A 233 -1.80 19.86 -16.71
C PRO A 233 -2.16 19.78 -15.27
N ASN A 234 -2.56 18.61 -14.82
CA ASN A 234 -3.00 18.45 -13.47
C ASN A 234 -1.89 17.83 -12.60
N ALA A 235 -0.65 18.20 -12.83
CA ALA A 235 0.47 17.66 -12.06
C ALA A 235 0.84 18.66 -10.97
N PRO A 236 1.47 18.17 -9.90
CA PRO A 236 1.72 19.03 -8.79
C PRO A 236 2.72 20.16 -9.07
N TRP A 237 3.44 20.10 -10.18
CA TRP A 237 4.45 21.11 -10.52
C TRP A 237 3.99 22.07 -11.60
N ALA A 238 2.87 21.72 -12.22
CA ALA A 238 2.40 22.37 -13.44
C ALA A 238 1.67 23.67 -13.24
N TYR A 239 1.25 23.96 -12.01
CA TYR A 239 0.52 25.20 -11.77
C TYR A 239 0.57 25.61 -10.33
N VAL A 240 0.13 26.83 -10.11
CA VAL A 240 0.29 27.46 -8.82
C VAL A 240 -0.93 28.39 -8.63
N SER A 241 -1.30 28.63 -7.36
CA SER A 241 -2.47 29.47 -7.05
C SER A 241 -2.15 30.94 -7.25
N ARG A 242 -3.18 31.80 -7.21
CA ARG A 242 -3.01 33.24 -7.21
C ARG A 242 -2.04 33.69 -6.13
N GLU A 243 -2.27 33.22 -4.91
CA GLU A 243 -1.54 33.62 -3.71
C GLU A 243 -0.07 33.19 -3.81
N GLU A 244 0.18 31.97 -4.26
CA GLU A 244 1.56 31.50 -4.30
C GLU A 244 2.36 32.19 -5.43
N ALA A 245 1.69 32.52 -6.52
CA ALA A 245 2.35 33.23 -7.58
C ALA A 245 2.64 34.67 -7.16
N ARG A 246 1.71 35.32 -6.45
CA ARG A 246 1.98 36.63 -5.84
C ARG A 246 3.18 36.58 -4.86
N ARG A 247 3.23 35.55 -4.03
CA ARG A 247 4.32 35.46 -3.06
C ARG A 247 5.71 35.34 -3.72
N ARG A 248 5.77 34.61 -4.83
CA ARG A 248 7.03 34.36 -5.54
C ARG A 248 7.45 35.61 -6.37
N ALA A 249 6.51 36.20 -7.09
CA ALA A 249 6.73 37.50 -7.68
C ALA A 249 7.30 38.49 -6.68
N LEU A 250 6.72 38.59 -5.49
CA LEU A 250 7.22 39.58 -4.52
C LEU A 250 8.62 39.22 -4.10
N GLN A 251 8.87 37.93 -3.99
CA GLN A 251 10.15 37.45 -3.52
C GLN A 251 11.28 37.68 -4.58
N LEU A 252 10.94 37.61 -5.87
CA LEU A 252 11.93 37.89 -6.89
C LEU A 252 12.21 39.38 -6.88
N ALA A 253 11.14 40.18 -6.85
CA ALA A 253 11.27 41.63 -6.68
C ALA A 253 12.20 41.98 -5.50
N LYS A 254 12.05 41.25 -4.39
CA LYS A 254 12.94 41.47 -3.25
C LYS A 254 14.37 41.10 -3.64
N LEU A 255 14.60 39.85 -4.03
CA LEU A 255 15.91 39.33 -4.43
C LEU A 255 16.70 40.15 -5.50
N VAL A 256 16.02 40.78 -6.47
CA VAL A 256 16.67 41.66 -7.48
C VAL A 256 16.82 43.11 -7.00
N GLY A 257 16.48 43.39 -5.75
CA GLY A 257 16.76 44.67 -5.11
C GLY A 257 15.60 45.64 -5.02
N CYS A 258 14.42 45.26 -5.50
CA CYS A 258 13.28 46.18 -5.48
C CYS A 258 12.79 46.43 -4.06
N PRO A 259 12.45 47.70 -3.78
CA PRO A 259 11.85 47.99 -2.49
C PRO A 259 10.40 47.46 -2.41
N PRO A 260 9.93 47.13 -1.18
CA PRO A 260 8.53 46.79 -0.86
C PRO A 260 7.48 47.81 -1.32
N ASN A 266 1.15 50.50 -6.72
CA ASN A 266 1.27 49.37 -5.75
C ASN A 266 1.83 48.10 -6.46
N ASP A 267 0.97 47.35 -7.16
CA ASP A 267 1.41 46.38 -8.18
C ASP A 267 2.05 47.11 -9.37
N THR A 268 1.52 48.28 -9.73
CA THR A 268 2.11 49.10 -10.79
C THR A 268 3.61 49.41 -10.55
N GLU A 269 3.92 49.95 -9.37
CA GLU A 269 5.30 50.30 -9.00
C GLU A 269 6.19 49.06 -8.80
N LEU A 270 5.62 47.95 -8.40
CA LEU A 270 6.38 46.73 -8.26
C LEU A 270 6.80 46.17 -9.63
N VAL A 271 5.87 46.21 -10.58
CA VAL A 271 6.15 45.68 -11.88
C VAL A 271 7.05 46.62 -12.65
N ALA A 272 6.88 47.92 -12.44
CA ALA A 272 7.75 48.87 -13.08
C ALA A 272 9.22 48.61 -12.69
N CYS A 273 9.45 48.24 -11.45
CA CYS A 273 10.78 47.97 -10.95
C CYS A 273 11.31 46.64 -11.58
N LEU A 274 10.55 45.58 -11.50
CA LEU A 274 10.84 44.36 -12.24
C LEU A 274 11.16 44.70 -13.68
N ARG A 275 10.40 45.57 -14.29
CA ARG A 275 10.64 45.89 -15.70
C ARG A 275 11.92 46.65 -15.96
N ASN A 276 12.48 47.38 -15.00
CA ASN A 276 13.72 48.13 -15.32
C ASN A 276 15.03 47.33 -15.10
N ARG A 277 14.94 46.21 -14.35
CA ARG A 277 16.07 45.31 -14.13
C ARG A 277 16.40 44.51 -15.42
N PRO A 278 17.69 44.20 -15.65
CA PRO A 278 18.04 43.45 -16.84
C PRO A 278 17.70 41.97 -16.66
N PRO A 279 17.48 41.26 -17.76
CA PRO A 279 17.06 39.87 -17.65
C PRO A 279 18.06 38.98 -16.91
N GLN A 280 19.36 39.17 -17.09
CA GLN A 280 20.26 38.25 -16.41
C GLN A 280 19.95 38.22 -14.93
N GLU A 281 19.59 39.40 -14.40
CA GLU A 281 19.35 39.61 -12.97
C GLU A 281 18.11 38.84 -12.48
N LEU A 282 17.06 38.87 -13.28
CA LEU A 282 15.92 38.01 -13.01
C LEU A 282 16.32 36.55 -12.99
N VAL A 283 17.04 36.10 -14.00
CA VAL A 283 17.47 34.70 -14.05
C VAL A 283 18.38 34.30 -12.89
N ASN A 284 19.25 35.21 -12.46
CA ASN A 284 20.18 34.89 -11.39
C ASN A 284 19.45 34.47 -10.11
N HIS A 285 18.27 35.03 -9.86
CA HIS A 285 17.57 34.81 -8.60
C HIS A 285 16.36 33.87 -8.67
N GLU A 286 16.06 33.39 -9.86
CA GLU A 286 14.83 32.64 -10.08
C GLU A 286 14.64 31.48 -9.09
N TRP A 287 15.62 30.58 -9.03
CA TRP A 287 15.51 29.37 -8.21
C TRP A 287 15.26 29.61 -6.70
N HIS A 288 15.85 30.68 -6.13
CA HIS A 288 15.72 30.96 -4.72
C HIS A 288 14.34 31.51 -4.32
N VAL A 289 13.37 31.68 -5.22
CA VAL A 289 12.01 32.05 -4.76
C VAL A 289 11.17 30.87 -4.33
N LEU A 290 11.62 29.66 -4.62
CA LEU A 290 10.89 28.47 -4.19
C LEU A 290 10.96 28.38 -2.65
N PRO A 291 9.95 27.70 -2.04
CA PRO A 291 9.80 27.55 -0.57
C PRO A 291 10.76 26.59 0.15
N GLN A 292 11.28 25.57 -0.52
CA GLN A 292 12.25 24.63 0.07
C GLN A 292 13.17 24.12 -1.04
N GLU A 293 14.38 23.68 -0.72
CA GLU A 293 15.16 22.95 -1.73
C GLU A 293 14.35 21.68 -2.11
N SER A 294 14.25 21.40 -3.39
CA SER A 294 13.41 20.32 -3.88
C SER A 294 13.80 19.90 -5.30
N VAL A 295 13.32 18.76 -5.73
CA VAL A 295 13.43 18.45 -7.13
C VAL A 295 12.05 18.41 -7.74
N PHE A 296 12.01 18.53 -9.05
CA PHE A 296 10.76 18.58 -9.78
C PHE A 296 9.76 19.70 -9.36
N ARG A 297 10.29 20.85 -8.95
CA ARG A 297 9.50 22.09 -8.80
C ARG A 297 10.20 23.28 -9.49
N PHE A 298 9.41 24.22 -9.99
CA PHE A 298 9.93 25.27 -10.82
C PHE A 298 9.22 26.55 -10.46
N SER A 299 9.91 27.65 -10.51
CA SER A 299 9.44 28.85 -9.86
C SER A 299 8.25 29.56 -10.52
N PHE A 300 8.25 29.65 -11.84
CA PHE A 300 7.24 30.40 -12.54
C PHE A 300 6.51 29.55 -13.56
N VAL A 301 5.33 29.10 -13.15
CA VAL A 301 4.55 28.16 -13.90
C VAL A 301 3.21 28.79 -14.10
N PRO A 302 2.35 28.18 -14.90
CA PRO A 302 1.05 28.76 -15.08
C PRO A 302 0.39 29.01 -13.76
N VAL A 303 -0.53 29.94 -13.77
CA VAL A 303 -1.22 30.30 -12.55
C VAL A 303 -2.69 30.18 -12.80
N VAL A 304 -3.43 29.71 -11.80
CA VAL A 304 -4.92 29.58 -11.90
C VAL A 304 -5.57 30.97 -11.80
N ASP A 305 -5.82 31.62 -12.92
CA ASP A 305 -6.07 33.05 -12.90
C ASP A 305 -7.55 33.41 -13.02
N GLY A 306 -8.41 32.41 -13.26
CA GLY A 306 -9.82 32.66 -13.57
C GLY A 306 -10.08 33.24 -14.94
N ASP A 307 -9.09 33.23 -15.83
CA ASP A 307 -9.29 33.70 -17.22
C ASP A 307 -8.82 32.60 -18.20
N PHE A 308 -7.50 32.42 -18.35
CA PHE A 308 -6.96 31.39 -19.24
C PHE A 308 -7.34 30.01 -18.65
N LEU A 309 -7.17 29.87 -17.33
CA LEU A 309 -7.72 28.76 -16.55
C LEU A 309 -8.84 29.22 -15.62
N PRO A 310 -10.11 28.98 -16.00
CA PRO A 310 -11.18 29.44 -15.19
C PRO A 310 -11.21 28.79 -13.84
N ASP A 311 -10.53 27.68 -13.67
CA ASP A 311 -10.52 27.00 -12.37
C ASP A 311 -9.28 26.12 -12.35
N THR A 312 -9.02 25.39 -11.26
CA THR A 312 -7.94 24.42 -11.33
C THR A 312 -8.14 23.39 -12.45
N PRO A 313 -7.03 22.86 -13.00
CA PRO A 313 -7.12 21.79 -13.98
C PRO A 313 -7.88 20.61 -13.46
N GLU A 314 -7.62 20.18 -12.22
CA GLU A 314 -8.44 19.12 -11.58
C GLU A 314 -9.95 19.42 -11.73
N ALA A 315 -10.35 20.62 -11.32
CA ALA A 315 -11.75 21.00 -11.44
C ALA A 315 -12.22 20.95 -12.89
N LEU A 316 -11.45 21.55 -13.80
CA LEU A 316 -11.90 21.71 -15.18
C LEU A 316 -11.99 20.37 -15.92
N ILE A 317 -11.11 19.47 -15.57
CA ILE A 317 -11.13 18.14 -16.15
C ILE A 317 -12.30 17.31 -15.64
N ASN A 318 -12.57 17.41 -14.34
CA ASN A 318 -13.71 16.73 -13.74
C ASN A 318 -15.05 17.16 -14.26
N ASN A 319 -15.17 18.46 -14.56
CA ASN A 319 -16.39 19.11 -15.06
C ASN A 319 -16.51 19.20 -16.56
N GLY A 320 -15.52 18.72 -17.28
CA GLY A 320 -15.49 18.90 -18.74
C GLY A 320 -16.20 17.76 -19.44
N ASP A 321 -16.77 18.10 -20.59
CA ASP A 321 -17.35 17.14 -21.53
C ASP A 321 -16.35 17.05 -22.68
N PHE A 322 -15.94 15.83 -23.06
CA PHE A 322 -14.95 15.65 -24.14
C PHE A 322 -15.37 14.70 -25.26
N LYS A 323 -16.67 14.51 -25.48
CA LYS A 323 -17.19 13.59 -26.52
C LYS A 323 -16.53 13.95 -27.86
N GLY A 324 -16.07 12.92 -28.61
CA GLY A 324 -15.41 13.12 -29.91
C GLY A 324 -14.14 13.98 -29.88
N LEU A 325 -13.40 13.85 -28.78
CA LEU A 325 -12.04 14.30 -28.71
C LEU A 325 -11.18 13.04 -28.61
N ASP A 326 -10.14 13.01 -29.46
CA ASP A 326 -9.13 11.99 -29.52
C ASP A 326 -7.83 12.50 -28.82
N VAL A 327 -7.30 11.74 -27.88
CA VAL A 327 -6.13 12.14 -27.12
C VAL A 327 -5.20 10.97 -27.01
N LEU A 328 -3.89 11.22 -27.08
CA LEU A 328 -2.89 10.17 -26.90
C LEU A 328 -1.92 10.60 -25.87
N VAL A 329 -1.70 9.77 -24.86
CA VAL A 329 -0.85 10.17 -23.71
C VAL A 329 0.09 9.03 -23.35
N GLY A 330 1.22 9.37 -22.70
CA GLY A 330 2.13 8.36 -22.19
C GLY A 330 3.26 8.87 -21.35
N VAL A 331 4.08 7.92 -20.92
CA VAL A 331 5.18 8.16 -20.00
C VAL A 331 6.30 7.19 -20.37
N ASN A 332 7.51 7.46 -19.87
CA ASN A 332 8.63 6.57 -20.08
C ASN A 332 8.79 5.67 -18.86
N LYS A 333 9.54 4.58 -18.98
CA LYS A 333 9.63 3.58 -17.95
C LYS A 333 10.22 4.15 -16.67
N ASP A 334 11.03 5.20 -16.73
CA ASP A 334 11.84 5.61 -15.58
C ASP A 334 11.84 7.11 -15.40
N GLU A 335 10.63 7.64 -15.26
CA GLU A 335 10.41 9.08 -15.24
C GLU A 335 11.09 9.87 -14.14
N GLY A 336 11.44 9.21 -13.03
CA GLY A 336 11.92 9.91 -11.86
C GLY A 336 13.40 10.05 -11.81
N SER A 337 14.09 9.14 -12.46
CA SER A 337 15.54 9.04 -12.32
C SER A 337 16.34 10.30 -12.62
N TYR A 338 16.12 10.91 -13.78
CA TYR A 338 16.78 12.17 -14.22
C TYR A 338 16.84 13.16 -13.10
N PHE A 339 15.72 13.31 -12.39
CA PHE A 339 15.57 14.48 -11.49
C PHE A 339 16.35 14.34 -10.21
N LEU A 340 16.66 13.08 -9.88
CA LEU A 340 17.29 12.76 -8.62
C LEU A 340 18.70 13.27 -8.52
N VAL A 341 19.44 13.37 -9.63
CA VAL A 341 20.79 13.93 -9.59
C VAL A 341 20.84 15.43 -9.30
N TYR A 342 19.67 16.06 -9.23
CA TYR A 342 19.61 17.49 -8.99
C TYR A 342 19.35 17.86 -7.54
N GLY A 343 19.59 16.95 -6.60
CA GLY A 343 19.56 17.35 -5.20
C GLY A 343 19.14 16.31 -4.18
N ALA A 344 18.81 15.11 -4.64
CA ALA A 344 18.66 13.96 -3.75
C ALA A 344 20.00 13.39 -3.28
N PRO A 345 20.21 13.33 -1.96
CA PRO A 345 21.53 12.93 -1.53
C PRO A 345 21.86 11.51 -1.93
N GLY A 346 23.09 11.32 -2.41
CA GLY A 346 23.62 10.00 -2.76
C GLY A 346 23.53 9.73 -4.25
N PHE A 347 22.89 10.68 -4.96
CA PHE A 347 22.59 10.50 -6.38
C PHE A 347 23.54 11.20 -7.32
N SER A 348 24.06 10.43 -8.29
CA SER A 348 24.99 10.93 -9.27
C SER A 348 24.89 10.16 -10.59
N LYS A 349 25.20 10.87 -11.67
CA LYS A 349 25.38 10.22 -12.97
C LYS A 349 26.64 9.34 -13.00
N ASP A 350 27.57 9.60 -12.09
CA ASP A 350 28.92 9.09 -12.25
C ASP A 350 29.19 7.74 -11.59
N ASN A 351 28.20 7.18 -10.92
CA ASN A 351 28.28 5.87 -10.29
C ASN A 351 26.88 5.28 -10.20
N GLU A 352 26.75 4.06 -9.71
CA GLU A 352 25.44 3.42 -9.65
C GLU A 352 24.46 4.05 -8.61
N SER A 353 24.85 5.13 -7.95
CA SER A 353 24.01 5.81 -6.95
C SER A 353 23.30 4.86 -5.95
N LEU A 354 24.03 3.82 -5.51
CA LEU A 354 23.53 2.89 -4.49
C LEU A 354 23.41 3.59 -3.13
N ILE A 355 22.28 4.18 -2.86
CA ILE A 355 22.09 4.95 -1.64
C ILE A 355 21.83 4.10 -0.41
N SER A 356 22.02 4.74 0.73
CA SER A 356 21.74 4.13 2.00
C SER A 356 20.27 4.35 2.25
N ARG A 357 19.76 3.72 3.30
CA ARG A 357 18.44 3.99 3.80
C ARG A 357 18.25 5.42 4.30
N GLU A 358 19.19 5.96 5.08
CA GLU A 358 18.99 7.34 5.59
C GLU A 358 18.74 8.32 4.42
N GLU A 359 19.50 8.14 3.33
CA GLU A 359 19.44 8.99 2.14
C GLU A 359 18.10 8.86 1.41
N PHE A 360 17.61 7.63 1.27
CA PHE A 360 16.25 7.38 0.82
C PHE A 360 15.18 8.14 1.63
N LEU A 361 15.24 8.00 2.96
CA LEU A 361 14.33 8.69 3.87
C LEU A 361 14.41 10.19 3.66
N GLU A 362 15.61 10.70 3.43
CA GLU A 362 15.86 12.15 3.19
C GLU A 362 15.31 12.63 1.84
N GLY A 363 15.54 11.80 0.83
CA GLY A 363 15.15 12.13 -0.53
C GLY A 363 13.64 12.15 -0.73
N VAL A 364 12.90 11.47 0.13
CA VAL A 364 11.46 11.58 0.10
C VAL A 364 11.04 13.03 0.34
N ARG A 365 11.73 13.74 1.21
CA ARG A 365 11.34 15.12 1.50
C ARG A 365 11.80 16.09 0.45
N VAL A 366 12.76 15.69 -0.37
CA VAL A 366 13.14 16.53 -1.49
C VAL A 366 12.19 16.25 -2.67
N GLY A 367 11.96 14.97 -2.95
CA GLY A 367 11.17 14.55 -4.12
C GLY A 367 9.68 14.91 -4.02
N VAL A 368 9.19 14.84 -2.78
CA VAL A 368 7.83 15.27 -2.43
C VAL A 368 7.90 16.34 -1.34
N PRO A 369 8.11 17.58 -1.76
CA PRO A 369 8.32 18.67 -0.80
C PRO A 369 7.01 19.21 -0.28
N GLN A 370 7.02 19.72 0.95
CA GLN A 370 5.86 20.42 1.54
C GLN A 370 4.68 19.48 1.79
N VAL A 371 4.97 18.38 2.48
CA VAL A 371 3.91 17.54 2.97
C VAL A 371 4.23 17.21 4.41
N SER A 372 3.21 16.88 5.20
CA SER A 372 3.42 16.53 6.60
C SER A 372 4.43 15.37 6.77
N ASP A 373 5.02 15.28 7.97
CA ASP A 373 5.89 14.13 8.31
C ASP A 373 5.07 12.86 8.22
N LEU A 374 3.77 13.00 8.41
CA LEU A 374 2.89 11.85 8.30
C LEU A 374 2.71 11.44 6.84
N ALA A 375 2.69 12.41 5.95
CA ALA A 375 2.60 12.07 4.56
C ALA A 375 3.89 11.37 4.16
N ALA A 376 5.04 11.92 4.54
CA ALA A 376 6.31 11.22 4.27
C ALA A 376 6.28 9.79 4.82
N GLU A 377 5.69 9.62 6.00
CA GLU A 377 5.62 8.31 6.61
C GLU A 377 4.85 7.38 5.66
N ALA A 378 3.75 7.89 5.14
CA ALA A 378 2.94 7.11 4.22
C ALA A 378 3.64 6.77 2.92
N ILE A 379 4.52 7.63 2.45
CA ILE A 379 5.17 7.36 1.18
C ILE A 379 6.22 6.29 1.39
N VAL A 380 6.97 6.46 2.46
CA VAL A 380 8.01 5.53 2.84
C VAL A 380 7.41 4.13 2.97
N LEU A 381 6.27 4.04 3.63
CA LEU A 381 5.57 2.78 3.76
C LEU A 381 5.26 2.16 2.41
N HIS A 382 4.72 2.94 1.49
CA HIS A 382 4.36 2.41 0.20
C HIS A 382 5.57 1.97 -0.63
N TYR A 383 6.70 2.65 -0.51
CA TYR A 383 7.78 2.45 -1.48
C TYR A 383 8.97 1.71 -0.86
N THR A 384 8.66 0.80 0.05
CA THR A 384 9.68 0.05 0.70
C THR A 384 9.30 -1.38 0.50
N ASP A 385 10.26 -2.17 0.03
CA ASP A 385 10.17 -3.62 0.16
C ASP A 385 10.47 -3.92 1.64
N TRP A 386 9.48 -4.38 2.39
CA TRP A 386 9.65 -4.60 3.82
C TRP A 386 10.34 -5.91 4.21
N LEU A 387 10.57 -6.79 3.24
CA LEU A 387 11.56 -7.86 3.43
C LEU A 387 13.03 -7.39 3.28
N HIS A 388 13.26 -6.36 2.47
CA HIS A 388 14.63 -5.98 2.13
C HIS A 388 14.77 -4.45 2.18
N PRO A 389 14.43 -3.85 3.33
CA PRO A 389 14.45 -2.39 3.46
C PRO A 389 15.83 -1.77 3.39
N GLU A 390 16.88 -2.58 3.51
CA GLU A 390 18.25 -2.06 3.49
C GLU A 390 18.94 -2.22 2.14
N ASP A 391 18.30 -2.88 1.16
CA ASP A 391 18.94 -3.09 -0.17
C ASP A 391 19.16 -1.71 -0.85
N PRO A 392 20.43 -1.33 -1.12
CA PRO A 392 20.68 0.01 -1.69
C PRO A 392 20.04 0.19 -3.09
N ALA A 393 20.14 -0.84 -3.92
CA ALA A 393 19.56 -0.82 -5.24
C ALA A 393 18.07 -0.61 -5.16
N LYS A 394 17.38 -1.42 -4.36
CA LYS A 394 15.92 -1.27 -4.22
C LYS A 394 15.52 0.12 -3.68
N ASN A 395 16.33 0.68 -2.78
CA ASN A 395 16.07 2.01 -2.29
C ASN A 395 16.21 3.14 -3.33
N ARG A 396 17.22 2.99 -4.18
CA ARG A 396 17.45 3.89 -5.28
C ARG A 396 16.29 3.86 -6.26
N ASP A 397 15.90 2.67 -6.69
CA ASP A 397 14.81 2.53 -7.65
C ASP A 397 13.47 3.02 -7.08
N ALA A 398 13.32 2.90 -5.76
CA ALA A 398 12.05 3.24 -5.11
C ALA A 398 11.86 4.76 -4.99
N LEU A 399 12.93 5.49 -4.75
CA LEU A 399 12.82 6.94 -4.76
C LEU A 399 12.53 7.44 -6.18
N SER A 400 13.10 6.75 -7.16
CA SER A 400 12.83 7.02 -8.56
C SER A 400 11.34 6.87 -8.82
N ASP A 401 10.76 5.79 -8.30
CA ASP A 401 9.34 5.51 -8.46
C ASP A 401 8.53 6.59 -7.73
N VAL A 402 8.97 6.99 -6.55
CA VAL A 402 8.26 7.99 -5.78
C VAL A 402 8.12 9.27 -6.56
N VAL A 403 9.25 9.73 -7.07
CA VAL A 403 9.26 10.96 -7.87
C VAL A 403 8.58 10.79 -9.25
N GLY A 404 8.85 9.67 -9.90
CA GLY A 404 8.15 9.36 -11.13
C GLY A 404 6.65 9.34 -10.95
N ASP A 405 6.18 8.58 -9.94
CA ASP A 405 4.73 8.35 -9.78
C ASP A 405 4.08 9.67 -9.43
N HIS A 406 4.68 10.39 -8.53
CA HIS A 406 4.07 11.58 -8.02
C HIS A 406 4.02 12.71 -9.03
N ASN A 407 5.06 12.84 -9.85
CA ASN A 407 5.14 14.00 -10.75
C ASN A 407 4.62 13.74 -12.12
N VAL A 408 4.71 12.50 -12.60
CA VAL A 408 4.38 12.24 -14.00
C VAL A 408 3.34 11.15 -14.19
N ILE A 409 3.54 9.97 -13.60
CA ILE A 409 2.68 8.85 -13.98
C ILE A 409 1.29 8.94 -13.41
N CYS A 410 1.19 9.27 -12.13
CA CYS A 410 -0.11 9.36 -11.54
C CYS A 410 -0.91 10.55 -12.08
N PRO A 411 -0.28 11.69 -12.29
CA PRO A 411 -1.09 12.72 -12.94
C PRO A 411 -1.55 12.36 -14.34
N VAL A 412 -0.77 11.60 -15.08
CA VAL A 412 -1.21 11.14 -16.39
C VAL A 412 -2.28 10.06 -16.29
N ALA A 413 -2.18 9.20 -15.28
CA ALA A 413 -3.21 8.16 -15.11
C ALA A 413 -4.57 8.80 -14.77
N GLN A 414 -4.60 9.77 -13.87
CA GLN A 414 -5.85 10.48 -13.55
C GLN A 414 -6.34 11.17 -14.79
N PHE A 415 -5.44 11.85 -15.50
CA PHE A 415 -5.83 12.58 -16.69
C PHE A 415 -6.51 11.65 -17.64
N ALA A 416 -5.93 10.50 -17.85
CA ALA A 416 -6.49 9.54 -18.76
C ALA A 416 -7.83 8.92 -18.32
N GLN A 417 -7.98 8.62 -17.03
CA GLN A 417 -9.22 8.00 -16.53
C GLN A 417 -10.33 9.01 -16.71
N ARG A 418 -10.01 10.27 -16.45
CA ARG A 418 -11.03 11.31 -16.46
C ARG A 418 -11.45 11.68 -17.87
N TYR A 419 -10.49 11.69 -18.80
CA TYR A 419 -10.82 11.97 -20.21
C TYR A 419 -11.66 10.85 -20.77
N ALA A 420 -11.37 9.60 -20.44
CA ALA A 420 -12.22 8.52 -20.97
C ALA A 420 -13.63 8.59 -20.38
N ALA A 421 -13.70 8.80 -19.06
CA ALA A 421 -14.96 8.84 -18.34
C ALA A 421 -15.86 9.94 -18.91
N ASN A 422 -15.28 11.09 -19.22
CA ASN A 422 -16.07 12.19 -19.68
C ASN A 422 -16.19 12.22 -21.19
N GLY A 423 -15.92 11.08 -21.83
CA GLY A 423 -16.28 10.84 -23.25
C GLY A 423 -15.21 10.88 -24.37
N ALA A 424 -13.93 10.94 -24.02
CA ALA A 424 -12.83 10.96 -25.00
C ALA A 424 -12.37 9.56 -25.36
N ARG A 425 -11.99 9.38 -26.62
CA ARG A 425 -11.18 8.25 -27.03
C ARG A 425 -9.73 8.58 -26.66
N VAL A 426 -9.11 7.69 -25.91
CA VAL A 426 -7.77 7.85 -25.38
C VAL A 426 -6.88 6.67 -25.76
N TYR A 427 -5.66 6.94 -26.22
CA TYR A 427 -4.69 5.89 -26.43
C TYR A 427 -3.51 6.21 -25.56
N ALA A 428 -2.93 5.19 -24.93
CA ALA A 428 -1.95 5.43 -23.91
C ALA A 428 -0.84 4.41 -23.96
N TYR A 429 0.37 4.84 -23.60
CA TYR A 429 1.54 4.03 -23.82
C TYR A 429 2.47 4.22 -22.67
N VAL A 430 3.36 3.25 -22.49
CA VAL A 430 4.64 3.44 -21.80
C VAL A 430 5.82 3.16 -22.74
N PHE A 431 6.80 4.03 -22.73
CA PHE A 431 7.92 3.95 -23.69
C PHE A 431 9.10 3.29 -22.97
N GLU A 432 9.56 2.15 -23.48
CA GLU A 432 10.51 1.33 -22.73
C GLU A 432 11.85 1.01 -23.43
N HIS A 433 12.21 1.75 -24.47
CA HIS A 433 13.46 1.55 -25.18
C HIS A 433 14.42 2.60 -24.77
N ARG A 434 15.57 2.13 -24.31
CA ARG A 434 16.72 2.94 -23.94
C ARG A 434 17.65 3.15 -25.14
N SER A 435 17.77 4.40 -25.61
CA SER A 435 18.66 4.71 -26.74
C SER A 435 20.02 4.04 -26.65
N SER A 436 20.38 3.32 -27.70
CA SER A 436 21.72 2.79 -27.84
C SER A 436 22.81 3.85 -27.54
N THR A 437 22.49 5.11 -27.81
CA THR A 437 23.47 6.23 -27.69
C THR A 437 23.35 7.06 -26.38
N LEU A 438 22.62 6.54 -25.40
CA LEU A 438 22.26 7.32 -24.22
C LEU A 438 23.46 7.63 -23.32
N PRO A 439 23.69 8.92 -23.01
CA PRO A 439 24.85 9.34 -22.18
C PRO A 439 24.74 9.11 -20.69
N TRP A 440 23.54 8.80 -20.20
CA TRP A 440 23.29 8.70 -18.77
C TRP A 440 23.54 7.23 -18.41
N PRO A 441 23.92 6.94 -17.14
CA PRO A 441 24.24 5.57 -16.71
C PRO A 441 23.07 4.58 -16.71
N GLU A 442 23.41 3.30 -16.65
CA GLU A 442 22.44 2.24 -16.77
C GLU A 442 21.30 2.36 -15.77
N TRP A 443 21.61 2.83 -14.57
CA TRP A 443 20.64 2.80 -13.50
C TRP A 443 19.48 3.82 -13.68
N MET A 444 19.66 4.83 -14.52
CA MET A 444 18.57 5.75 -14.73
C MET A 444 17.53 5.18 -15.69
N GLY A 445 17.86 4.07 -16.36
CA GLY A 445 16.85 3.31 -17.13
C GLY A 445 16.47 4.07 -18.38
N VAL A 446 15.18 4.18 -18.66
CA VAL A 446 14.69 4.96 -19.79
C VAL A 446 14.18 6.26 -19.23
N PRO A 447 15.04 7.26 -19.12
CA PRO A 447 14.63 8.44 -18.42
C PRO A 447 13.69 9.35 -19.17
N HIS A 448 13.12 10.23 -18.38
CA HIS A 448 12.31 11.29 -18.85
C HIS A 448 13.02 12.05 -19.98
N GLY A 449 12.30 12.31 -21.06
CA GLY A 449 12.79 13.13 -22.14
C GLY A 449 13.35 12.37 -23.30
N TYR A 450 13.55 11.07 -23.16
CA TYR A 450 14.38 10.29 -24.13
C TYR A 450 13.61 9.43 -25.08
N GLU A 451 12.32 9.68 -25.17
CA GLU A 451 11.49 9.21 -26.29
C GLU A 451 11.46 10.23 -27.43
N ILE A 452 11.70 11.49 -27.13
CA ILE A 452 11.49 12.58 -28.09
C ILE A 452 12.25 12.36 -29.39
N GLU A 453 13.54 12.00 -29.30
CA GLU A 453 14.38 11.77 -30.48
C GLU A 453 13.92 10.62 -31.35
N PHE A 454 13.21 9.67 -30.78
CA PHE A 454 12.58 8.63 -31.61
C PHE A 454 11.34 9.13 -32.28
N ILE A 455 10.54 9.96 -31.62
CA ILE A 455 9.31 10.55 -32.24
C ILE A 455 9.67 11.47 -33.42
N PHE A 456 10.76 12.20 -33.23
CA PHE A 456 11.20 13.15 -34.24
C PHE A 456 12.07 12.51 -35.29
N GLY A 457 12.26 11.21 -35.23
CA GLY A 457 12.94 10.48 -36.29
C GLY A 457 14.41 10.77 -36.40
N ILE A 458 15.04 11.18 -35.29
CA ILE A 458 16.46 11.50 -35.33
C ILE A 458 17.31 10.27 -35.76
N PRO A 459 16.87 9.05 -35.42
CA PRO A 459 17.71 7.96 -35.85
C PRO A 459 18.00 7.89 -37.34
N LEU A 460 17.14 8.51 -38.14
CA LEU A 460 17.33 8.54 -39.59
C LEU A 460 18.46 9.45 -39.98
N ASP A 461 18.99 10.25 -39.05
CA ASP A 461 20.10 11.15 -39.36
C ASP A 461 21.37 10.31 -39.59
N PRO A 462 21.88 10.31 -40.84
CA PRO A 462 23.10 9.54 -41.14
C PRO A 462 24.31 10.00 -40.29
N SER A 463 24.37 11.30 -39.96
CA SER A 463 25.43 11.88 -39.10
C SER A 463 25.44 11.35 -37.66
N ARG A 464 24.41 10.64 -37.26
CA ARG A 464 24.31 10.07 -35.93
C ARG A 464 24.44 8.56 -36.06
N ASN A 465 24.58 7.86 -34.94
CA ASN A 465 24.93 6.44 -35.00
C ASN A 465 23.99 5.49 -34.26
N TYR A 466 22.70 5.61 -34.57
CA TYR A 466 21.70 4.69 -34.06
C TYR A 466 21.83 3.35 -34.79
N THR A 467 21.09 2.32 -34.36
CA THR A 467 21.17 1.01 -34.94
C THR A 467 20.10 0.81 -36.00
N LYS A 468 20.23 -0.24 -36.81
CA LYS A 468 19.22 -0.58 -37.82
C LYS A 468 17.83 -0.70 -37.17
N GLU A 469 17.78 -1.25 -35.95
CA GLU A 469 16.50 -1.58 -35.34
C GLU A 469 15.88 -0.29 -34.82
N GLU A 470 16.72 0.57 -34.25
CA GLU A 470 16.27 1.90 -33.83
C GLU A 470 15.69 2.77 -34.95
N LYS A 471 16.26 2.70 -36.14
CA LYS A 471 15.63 3.36 -37.28
C LYS A 471 14.27 2.75 -37.59
N ILE A 472 14.15 1.45 -37.51
CA ILE A 472 12.85 0.77 -37.74
C ILE A 472 11.81 1.20 -36.69
N PHE A 473 12.25 1.31 -35.44
CA PHE A 473 11.43 1.68 -34.28
C PHE A 473 10.99 3.14 -34.41
N ALA A 474 11.90 4.02 -34.78
CA ALA A 474 11.46 5.39 -35.02
C ALA A 474 10.40 5.46 -36.09
N ARG A 475 10.52 4.70 -37.16
CA ARG A 475 9.52 4.82 -38.21
C ARG A 475 8.21 4.29 -37.67
N ARG A 476 8.24 3.35 -36.74
CA ARG A 476 6.95 2.88 -36.21
C ARG A 476 6.33 3.98 -35.41
N LEU A 477 7.13 4.66 -34.61
CA LEU A 477 6.60 5.65 -33.74
C LEU A 477 6.05 6.87 -34.51
N MET A 478 6.85 7.33 -35.46
CA MET A 478 6.44 8.40 -36.33
C MET A 478 5.16 8.02 -37.00
N ARG A 479 5.05 6.78 -37.40
CA ARG A 479 3.80 6.32 -38.02
C ARG A 479 2.58 6.36 -37.05
N TYR A 480 2.76 5.88 -35.81
CA TYR A 480 1.68 5.92 -34.83
C TYR A 480 1.25 7.36 -34.64
N TRP A 481 2.24 8.24 -34.37
CA TRP A 481 1.98 9.66 -34.08
C TRP A 481 1.33 10.35 -35.25
N ALA A 482 1.79 10.02 -36.48
CA ALA A 482 1.21 10.67 -37.67
C ALA A 482 -0.13 10.06 -38.02
N ASN A 483 -0.32 8.78 -37.78
CA ASN A 483 -1.67 8.22 -37.94
C ASN A 483 -2.65 8.83 -36.99
N PHE A 484 -2.24 9.06 -35.75
CA PHE A 484 -3.10 9.74 -34.81
C PHE A 484 -3.46 11.13 -35.32
N ALA A 485 -2.47 11.84 -35.82
CA ALA A 485 -2.71 13.17 -36.30
C ALA A 485 -3.69 13.17 -37.50
N ARG A 486 -3.55 12.21 -38.40
CA ARG A 486 -4.46 12.15 -39.56
C ARG A 486 -5.88 11.78 -39.16
N THR A 487 -6.06 10.86 -38.22
CA THR A 487 -7.36 10.26 -37.99
C THR A 487 -7.80 10.18 -36.55
N GLY A 488 -6.99 10.58 -35.59
CA GLY A 488 -7.32 10.28 -34.20
C GLY A 488 -7.09 8.84 -33.71
N ASP A 489 -6.48 8.01 -34.55
CA ASP A 489 -6.29 6.62 -34.25
C ASP A 489 -4.89 6.28 -34.79
N PRO A 490 -4.01 5.79 -33.90
CA PRO A 490 -2.66 5.53 -34.35
C PRO A 490 -2.49 4.24 -35.13
N ASN A 491 -3.56 3.48 -35.30
CA ASN A 491 -3.54 2.24 -36.09
C ASN A 491 -3.84 2.43 -37.60
N GLU A 492 -3.41 1.43 -38.39
CA GLU A 492 -3.87 1.21 -39.79
C GLU A 492 -4.10 -0.32 -40.01
N PRO A 493 -4.85 -0.76 -41.09
CA PRO A 493 -5.14 -2.22 -41.31
C PRO A 493 -4.03 -3.25 -40.90
N ARG A 494 -2.87 -3.18 -41.56
CA ARG A 494 -1.67 -3.86 -41.15
C ARG A 494 -0.59 -2.81 -40.89
N PRO A 499 -1.13 -5.84 -35.46
CA PRO A 499 -0.97 -5.76 -33.98
C PRO A 499 -1.49 -4.39 -33.45
N GLN A 500 -2.67 -4.43 -32.80
CA GLN A 500 -3.45 -3.23 -32.54
C GLN A 500 -3.09 -2.52 -31.22
N TRP A 501 -3.23 -1.19 -31.22
CA TRP A 501 -3.14 -0.36 -30.03
C TRP A 501 -4.58 -0.06 -29.63
N PRO A 502 -5.07 -0.67 -28.55
CA PRO A 502 -6.46 -0.41 -28.22
C PRO A 502 -6.66 0.84 -27.35
N PRO A 503 -7.82 1.50 -27.48
CA PRO A 503 -8.10 2.64 -26.58
C PRO A 503 -8.09 2.28 -25.10
N TYR A 504 -7.61 3.23 -24.31
CA TYR A 504 -7.71 3.22 -22.86
C TYR A 504 -9.11 3.67 -22.46
N THR A 505 -9.86 2.76 -21.84
CA THR A 505 -11.17 3.08 -21.25
C THR A 505 -10.97 3.12 -19.74
N ALA A 506 -11.90 3.74 -19.02
CA ALA A 506 -11.81 3.80 -17.55
C ALA A 506 -12.02 2.44 -16.86
N ASP A 507 -12.66 1.48 -17.53
CA ASP A 507 -12.93 0.17 -16.93
C ASP A 507 -11.72 -0.72 -16.99
N GLU A 508 -11.20 -0.94 -18.20
CA GLU A 508 -10.08 -1.86 -18.41
C GLU A 508 -8.67 -1.23 -18.32
N GLN A 509 -8.55 0.04 -18.73
CA GLN A 509 -7.33 0.82 -18.62
C GLN A 509 -6.19 0.24 -19.44
N LYS A 510 -6.49 -0.11 -20.68
CA LYS A 510 -5.46 -0.66 -21.55
C LYS A 510 -4.43 0.39 -22.00
N TYR A 511 -3.18 -0.03 -21.99
CA TYR A 511 -2.12 0.76 -22.56
C TYR A 511 -1.09 -0.17 -23.16
N VAL A 512 -0.18 0.39 -23.95
CA VAL A 512 0.80 -0.42 -24.72
C VAL A 512 2.21 0.01 -24.46
N SER A 513 3.12 -0.95 -24.47
CA SER A 513 4.52 -0.67 -24.30
C SER A 513 5.07 -0.44 -25.68
N LEU A 514 5.94 0.55 -25.79
CA LEU A 514 6.59 0.84 -27.03
C LEU A 514 8.03 0.53 -26.84
N ASP A 515 8.50 -0.53 -27.49
CA ASP A 515 9.93 -0.63 -27.74
C ASP A 515 10.22 -1.57 -28.86
N LEU A 516 11.44 -2.13 -28.94
CA LEU A 516 11.84 -2.84 -30.17
C LEU A 516 10.88 -3.99 -30.46
N ARG A 517 10.48 -4.72 -29.42
CA ARG A 517 9.49 -5.80 -29.62
C ARG A 517 8.14 -5.25 -30.10
N PRO A 518 7.30 -6.11 -30.70
CA PRO A 518 5.95 -5.63 -31.05
C PRO A 518 5.13 -5.15 -29.83
N LEU A 519 4.05 -4.43 -30.10
CA LEU A 519 3.16 -3.93 -29.05
C LEU A 519 2.67 -5.07 -28.15
N GLU A 520 2.75 -4.82 -26.85
CA GLU A 520 2.25 -5.72 -25.85
C GLU A 520 1.17 -4.91 -25.08
N VAL A 521 -0.05 -5.41 -25.07
CA VAL A 521 -1.14 -4.77 -24.33
C VAL A 521 -1.07 -5.10 -22.85
N ARG A 522 -1.15 -4.06 -22.01
CA ARG A 522 -1.21 -4.20 -20.55
C ARG A 522 -2.36 -3.38 -19.97
N ARG A 523 -2.65 -3.61 -18.70
CA ARG A 523 -3.82 -3.03 -18.05
C ARG A 523 -3.38 -2.25 -16.83
N GLY A 524 -3.80 -0.99 -16.72
CA GLY A 524 -3.54 -0.22 -15.48
C GLY A 524 -2.17 0.40 -15.22
N LEU A 525 -2.08 1.71 -15.44
CA LEU A 525 -0.86 2.46 -15.22
C LEU A 525 -0.60 2.64 -13.76
N ARG A 526 0.18 1.72 -13.20
CA ARG A 526 0.53 1.75 -11.78
C ARG A 526 -0.69 2.04 -10.91
N ALA A 527 -1.68 1.16 -11.01
CA ALA A 527 -3.01 1.40 -10.43
C ALA A 527 -2.98 1.42 -8.90
N GLN A 528 -2.25 0.50 -8.31
CA GLN A 528 -2.14 0.48 -6.87
C GLN A 528 -1.45 1.75 -6.43
N ALA A 529 -0.30 2.06 -7.01
CA ALA A 529 0.45 3.23 -6.56
C ALA A 529 -0.32 4.52 -6.79
N CYS A 530 -0.98 4.65 -7.94
CA CYS A 530 -1.68 5.90 -8.22
C CYS A 530 -2.93 6.04 -7.36
N ALA A 531 -3.55 4.92 -7.01
CA ALA A 531 -4.59 4.96 -5.95
C ALA A 531 -4.08 5.69 -4.69
N PHE A 532 -2.82 5.44 -4.35
CA PHE A 532 -2.20 6.12 -3.22
C PHE A 532 -2.14 7.65 -3.40
N TRP A 533 -1.56 8.08 -4.53
CA TRP A 533 -1.41 9.51 -4.76
C TRP A 533 -2.73 10.17 -5.04
N ASN A 534 -3.64 9.47 -5.72
CA ASN A 534 -4.82 10.14 -6.28
C ASN A 534 -6.07 10.05 -5.40
N ARG A 535 -6.17 9.00 -4.59
CA ARG A 535 -7.31 8.85 -3.69
C ARG A 535 -6.88 9.14 -2.27
N PHE A 536 -5.90 8.42 -1.76
CA PHE A 536 -5.65 8.47 -0.34
C PHE A 536 -4.94 9.75 0.12
N LEU A 537 -3.85 10.11 -0.53
CA LEU A 537 -3.03 11.18 0.00
C LEU A 537 -3.73 12.55 0.13
N PRO A 538 -4.63 12.89 -0.81
CA PRO A 538 -5.43 14.13 -0.64
C PRO A 538 -6.36 14.13 0.59
N LYS A 539 -6.77 12.95 1.04
CA LYS A 539 -7.54 12.85 2.29
C LYS A 539 -6.66 13.07 3.53
N LEU A 540 -5.45 12.54 3.48
CA LEU A 540 -4.52 12.70 4.60
C LEU A 540 -4.15 14.18 4.82
N LEU A 541 -3.50 14.81 3.84
CA LEU A 541 -3.16 16.26 3.89
C LEU A 541 -4.37 17.08 4.38
N SER A 542 -5.53 16.81 3.78
CA SER A 542 -6.80 17.49 4.09
C SER A 542 -7.44 17.17 5.48
N ALA A 543 -6.71 17.37 6.58
CA ALA A 543 -7.11 16.89 7.93
C ALA A 543 -6.07 17.25 8.98
N ALA B 7 -4.30 -51.83 39.11
CA ALA B 7 -3.85 -50.42 39.00
C ALA B 7 -3.36 -50.12 37.56
N GLU B 8 -2.35 -49.21 37.46
CA GLU B 8 -2.18 -48.25 36.33
C GLU B 8 -3.10 -46.98 36.51
N LEU B 9 -4.30 -47.19 37.02
CA LEU B 9 -5.33 -46.17 37.16
C LEU B 9 -5.51 -45.66 38.58
N LEU B 10 -4.71 -46.09 39.54
CA LEU B 10 -4.81 -45.52 40.87
C LEU B 10 -3.52 -44.77 41.10
N VAL B 11 -3.63 -43.46 41.18
CA VAL B 11 -2.51 -42.58 41.33
C VAL B 11 -2.72 -41.65 42.50
N THR B 12 -1.63 -41.43 43.23
CA THR B 12 -1.64 -40.52 44.36
C THR B 12 -1.01 -39.17 43.99
N THR B 13 -1.70 -38.09 44.38
CA THR B 13 -1.23 -36.72 44.17
C THR B 13 -1.29 -36.02 45.50
N ARG B 14 -0.80 -34.80 45.52
CA ARG B 14 -0.78 -34.08 46.76
C ARG B 14 -2.18 -33.91 47.32
N GLY B 15 -3.17 -33.67 46.47
CA GLY B 15 -4.55 -33.54 46.94
C GLY B 15 -5.19 -34.85 47.41
N GLY B 16 -4.70 -35.98 46.91
CA GLY B 16 -5.24 -37.27 47.32
C GLY B 16 -5.19 -38.25 46.19
N ARG B 17 -5.82 -39.39 46.40
CA ARG B 17 -5.80 -40.45 45.43
C ARG B 17 -6.87 -40.19 44.40
N LEU B 18 -6.56 -40.60 43.17
CA LEU B 18 -7.47 -40.50 42.06
C LEU B 18 -7.67 -41.87 41.48
N ARG B 19 -8.81 -42.09 40.80
CA ARG B 19 -8.97 -43.24 39.90
C ARG B 19 -9.26 -42.77 38.48
N GLY B 20 -8.48 -43.21 37.50
CA GLY B 20 -8.75 -42.86 36.10
C GLY B 20 -9.43 -43.97 35.30
N ILE B 21 -9.44 -43.79 33.97
CA ILE B 21 -10.09 -44.74 33.06
C ILE B 21 -9.17 -45.13 31.87
N ARG B 22 -9.15 -46.41 31.53
CA ARG B 22 -8.38 -46.93 30.40
C ARG B 22 -9.19 -46.57 29.19
N LEU B 23 -8.58 -45.86 28.24
CA LEU B 23 -9.21 -45.54 26.96
C LEU B 23 -8.49 -46.34 25.90
N THR B 24 -9.21 -46.75 24.86
CA THR B 24 -8.65 -47.55 23.78
C THR B 24 -8.48 -46.70 22.53
N THR B 25 -7.38 -46.97 21.84
CA THR B 25 -7.15 -46.42 20.52
C THR B 25 -6.74 -47.57 19.62
N PRO B 26 -6.80 -47.38 18.30
CA PRO B 26 -6.22 -48.30 17.33
C PRO B 26 -4.75 -48.59 17.56
N GLY B 27 -3.99 -47.59 18.03
CA GLY B 27 -2.55 -47.75 18.37
C GLY B 27 -2.29 -48.38 19.75
N GLY B 28 -3.37 -48.74 20.46
CA GLY B 28 -3.29 -49.14 21.86
C GLY B 28 -3.82 -48.16 22.92
N PRO B 29 -3.67 -48.57 24.19
CA PRO B 29 -4.31 -47.89 25.28
C PRO B 29 -3.53 -46.74 25.96
N VAL B 30 -4.30 -45.94 26.70
CA VAL B 30 -3.87 -44.70 27.37
C VAL B 30 -4.62 -44.71 28.68
N SER B 31 -4.05 -44.15 29.74
CA SER B 31 -4.77 -43.95 30.99
C SER B 31 -5.12 -42.45 31.10
N ALA B 32 -6.41 -42.13 31.19
CA ALA B 32 -6.91 -40.74 31.24
C ALA B 32 -7.51 -40.48 32.58
N PHE B 33 -7.12 -39.36 33.18
CA PHE B 33 -7.64 -38.92 34.46
C PHE B 33 -8.33 -37.60 34.22
N LEU B 34 -9.66 -37.62 34.23
CA LEU B 34 -10.50 -36.49 33.89
C LEU B 34 -11.14 -35.91 35.13
N GLY B 35 -11.34 -34.60 35.19
CA GLY B 35 -12.09 -33.98 36.28
C GLY B 35 -11.37 -33.88 37.61
N ILE B 36 -10.11 -33.55 37.55
CA ILE B 36 -9.28 -33.47 38.75
C ILE B 36 -9.37 -32.05 39.24
N PRO B 37 -9.80 -31.86 40.47
CA PRO B 37 -9.91 -30.53 40.99
C PRO B 37 -8.53 -29.96 41.29
N PHE B 38 -8.25 -28.75 40.83
CA PHE B 38 -7.01 -28.09 41.24
C PHE B 38 -7.24 -26.79 42.03
N ALA B 39 -8.49 -26.41 42.17
CA ALA B 39 -8.83 -25.23 42.90
C ALA B 39 -10.12 -25.47 43.65
N GLU B 40 -10.30 -24.71 44.71
CA GLU B 40 -11.57 -24.64 45.38
C GLU B 40 -12.55 -24.00 44.40
N PRO B 41 -13.78 -24.51 44.31
CA PRO B 41 -14.80 -23.89 43.49
C PRO B 41 -14.83 -22.37 43.69
N PRO B 42 -14.66 -21.60 42.59
CA PRO B 42 -14.59 -20.15 42.65
C PRO B 42 -16.00 -19.57 42.70
N VAL B 43 -16.69 -19.89 43.77
CA VAL B 43 -18.11 -19.68 43.92
C VAL B 43 -18.42 -18.73 45.09
N GLY B 44 -19.57 -18.05 45.01
CA GLY B 44 -20.08 -17.19 46.08
C GLY B 44 -19.16 -16.00 46.30
N PRO B 45 -18.59 -15.88 47.51
CA PRO B 45 -17.67 -14.78 47.75
C PRO B 45 -16.36 -14.89 46.96
N ARG B 46 -16.09 -16.03 46.35
CA ARG B 46 -14.92 -16.19 45.55
C ARG B 46 -15.09 -15.84 44.06
N ARG B 47 -16.30 -15.47 43.65
CA ARG B 47 -16.51 -15.13 42.26
C ARG B 47 -15.66 -13.89 42.02
N PHE B 48 -14.98 -13.87 40.87
CA PHE B 48 -14.01 -12.84 40.49
C PHE B 48 -12.65 -12.89 41.23
N ARG B 49 -12.51 -13.77 42.20
CA ARG B 49 -11.32 -13.72 43.06
C ARG B 49 -10.21 -14.61 42.50
N PRO B 50 -8.97 -14.36 42.86
CA PRO B 50 -8.02 -15.40 42.46
C PRO B 50 -8.41 -16.82 42.89
N PRO B 51 -8.02 -17.82 42.12
CA PRO B 51 -8.29 -19.13 42.58
C PRO B 51 -7.41 -19.50 43.80
N GLU B 52 -7.90 -20.44 44.59
CA GLU B 52 -7.24 -20.91 45.79
C GLU B 52 -7.05 -22.39 45.57
N PRO B 53 -5.91 -22.95 46.00
CA PRO B 53 -5.63 -24.38 45.68
C PRO B 53 -6.63 -25.31 46.29
N LYS B 54 -6.98 -26.36 45.58
CA LYS B 54 -7.97 -27.30 46.10
C LYS B 54 -7.41 -27.98 47.32
N GLN B 55 -8.14 -27.95 48.44
CA GLN B 55 -7.73 -28.60 49.71
C GLN B 55 -7.77 -30.12 49.60
N PRO B 56 -6.85 -30.82 50.29
CA PRO B 56 -6.89 -32.28 50.10
C PRO B 56 -8.25 -32.86 50.41
N TRP B 57 -8.80 -33.52 49.42
CA TRP B 57 -9.97 -34.34 49.61
C TRP B 57 -9.43 -35.61 50.22
N SER B 58 -10.27 -36.38 50.84
CA SER B 58 -9.78 -37.60 51.43
C SER B 58 -10.43 -38.73 50.65
N GLY B 59 -9.84 -39.90 50.69
CA GLY B 59 -10.39 -41.03 49.93
C GLY B 59 -9.92 -40.98 48.49
N VAL B 60 -10.76 -41.53 47.63
CA VAL B 60 -10.45 -41.69 46.23
C VAL B 60 -11.41 -40.86 45.41
N TRP B 61 -10.87 -39.86 44.70
CA TRP B 61 -11.66 -39.03 43.79
C TRP B 61 -11.85 -39.69 42.41
N ASP B 62 -13.10 -39.97 42.03
CA ASP B 62 -13.29 -40.64 40.74
C ASP B 62 -12.97 -39.62 39.63
N ALA B 63 -12.10 -40.04 38.72
CA ALA B 63 -11.61 -39.22 37.63
C ALA B 63 -11.82 -39.94 36.31
N THR B 64 -13.02 -40.40 36.03
CA THR B 64 -13.24 -41.13 34.80
C THR B 64 -14.12 -40.35 33.91
N THR B 65 -14.39 -39.12 34.33
CA THR B 65 -15.52 -38.36 33.82
C THR B 65 -15.13 -36.91 33.78
N PHE B 66 -15.42 -36.28 32.64
CA PHE B 66 -15.27 -34.84 32.49
C PHE B 66 -16.27 -34.15 33.41
N GLN B 67 -15.79 -33.06 34.00
CA GLN B 67 -16.55 -32.22 34.91
C GLN B 67 -17.23 -31.10 34.16
N ASN B 68 -17.97 -30.27 34.88
CA ASN B 68 -18.70 -29.15 34.33
C ASN B 68 -17.79 -28.12 33.68
N VAL B 69 -18.41 -27.36 32.79
CA VAL B 69 -17.80 -26.32 32.00
C VAL B 69 -18.09 -24.95 32.64
N CYS B 70 -17.16 -24.01 32.51
CA CYS B 70 -17.38 -22.72 33.09
CA CYS B 70 -17.38 -22.66 33.03
C CYS B 70 -18.61 -22.06 32.42
N TYR B 71 -19.40 -21.36 33.21
CA TYR B 71 -20.62 -20.76 32.71
C TYR B 71 -20.15 -19.86 31.53
N GLN B 72 -20.82 -19.94 30.40
CA GLN B 72 -20.44 -19.20 29.18
C GLN B 72 -21.62 -19.04 28.25
N TYR B 73 -21.51 -18.06 27.36
CA TYR B 73 -22.44 -17.85 26.23
C TYR B 73 -22.50 -19.11 25.39
N VAL B 74 -23.69 -19.53 24.96
CA VAL B 74 -23.84 -20.61 24.01
C VAL B 74 -24.16 -19.99 22.68
N ASP B 75 -23.37 -20.36 21.66
CA ASP B 75 -23.55 -19.79 20.32
C ASP B 75 -24.82 -20.26 19.68
N THR B 76 -25.54 -19.32 19.08
CA THR B 76 -26.86 -19.65 18.49
C THR B 76 -27.04 -19.13 17.04
N LEU B 77 -25.94 -18.78 16.38
CA LEU B 77 -25.95 -18.28 15.01
C LEU B 77 -26.63 -19.23 14.02
N TYR B 78 -26.20 -20.50 14.07
CA TYR B 78 -26.62 -21.57 13.17
C TYR B 78 -26.96 -22.87 13.95
N PRO B 79 -28.12 -22.92 14.65
CA PRO B 79 -28.48 -24.04 15.56
C PRO B 79 -28.37 -25.42 14.92
N GLY B 80 -27.67 -26.34 15.56
CA GLY B 80 -27.49 -27.71 14.99
C GLY B 80 -26.41 -27.89 13.91
N PHE B 81 -25.78 -26.79 13.46
CA PHE B 81 -24.68 -26.85 12.50
C PHE B 81 -23.41 -27.37 13.16
N GLU B 82 -22.82 -28.45 12.68
CA GLU B 82 -21.68 -29.01 13.41
C GLU B 82 -20.56 -27.95 13.46
N GLY B 83 -20.57 -27.01 12.52
CA GLY B 83 -19.47 -26.06 12.40
C GLY B 83 -19.35 -25.10 13.57
N THR B 84 -20.50 -24.75 14.15
CA THR B 84 -20.57 -23.96 15.38
C THR B 84 -20.68 -24.80 16.66
N GLU B 85 -21.50 -25.83 16.61
CA GLU B 85 -21.81 -26.63 17.80
C GLU B 85 -20.61 -27.38 18.35
N MET B 86 -19.65 -27.71 17.49
CA MET B 86 -18.46 -28.42 17.97
C MET B 86 -17.63 -27.60 18.99
N TRP B 87 -17.82 -26.28 18.97
CA TRP B 87 -17.17 -25.34 19.92
C TRP B 87 -18.03 -25.04 21.17
N ASN B 88 -19.32 -25.22 21.04
CA ASN B 88 -20.22 -25.05 22.15
C ASN B 88 -20.01 -26.01 23.29
N PRO B 89 -20.42 -25.60 24.51
CA PRO B 89 -20.34 -26.46 25.69
C PRO B 89 -21.08 -27.79 25.48
N ASN B 90 -20.43 -28.88 25.88
CA ASN B 90 -20.92 -30.23 25.73
C ASN B 90 -21.09 -30.90 27.12
N ARG B 91 -21.19 -30.09 28.17
CA ARG B 91 -21.48 -30.56 29.52
C ARG B 91 -22.25 -29.46 30.20
N ASN B 92 -22.86 -29.80 31.31
CA ASN B 92 -23.55 -28.83 32.16
C ASN B 92 -22.67 -27.64 32.58
N LEU B 93 -23.25 -26.45 32.63
CA LEU B 93 -22.53 -25.22 32.98
C LEU B 93 -22.47 -25.00 34.47
N SER B 94 -21.34 -24.49 34.97
CA SER B 94 -21.24 -24.16 36.41
C SER B 94 -20.04 -23.28 36.69
N GLU B 95 -20.10 -22.55 37.79
CA GLU B 95 -18.96 -21.74 38.26
C GLU B 95 -17.94 -22.65 38.90
N ASP B 96 -18.42 -23.81 39.37
CA ASP B 96 -17.64 -24.95 39.87
C ASP B 96 -17.11 -25.69 38.69
N CYS B 97 -16.11 -25.14 38.06
CA CYS B 97 -15.67 -25.67 36.79
C CYS B 97 -14.15 -25.82 36.70
N LEU B 98 -13.45 -25.69 37.83
CA LEU B 98 -11.99 -25.69 37.85
C LEU B 98 -11.37 -27.07 38.04
N TYR B 99 -11.52 -27.88 37.00
CA TYR B 99 -10.96 -29.21 36.93
C TYR B 99 -9.98 -29.30 35.78
N LEU B 100 -8.95 -30.14 35.91
CA LEU B 100 -8.01 -30.41 34.82
C LEU B 100 -7.93 -31.90 34.45
N ASN B 101 -7.37 -32.19 33.28
CA ASN B 101 -7.35 -33.53 32.81
C ASN B 101 -5.95 -34.00 32.38
N VAL B 102 -5.63 -35.24 32.69
CA VAL B 102 -4.30 -35.76 32.34
C VAL B 102 -4.47 -37.00 31.50
N TRP B 103 -3.77 -37.11 30.38
CA TRP B 103 -3.71 -38.35 29.62
C TRP B 103 -2.26 -38.79 29.56
N THR B 104 -1.99 -40.05 29.92
CA THR B 104 -0.64 -40.65 29.87
C THR B 104 -0.74 -42.07 29.24
N PRO B 105 0.36 -42.60 28.68
CA PRO B 105 0.24 -43.98 28.12
C PRO B 105 0.01 -45.13 29.12
N TYR B 106 -0.56 -46.24 28.62
CA TYR B 106 -0.72 -47.50 29.37
C TYR B 106 0.11 -48.53 28.63
N PRO B 107 1.17 -49.04 29.24
CA PRO B 107 1.61 -48.64 30.59
C PRO B 107 2.30 -47.31 30.55
N ARG B 108 2.53 -46.75 31.74
CA ARG B 108 3.22 -45.49 31.84
C ARG B 108 4.58 -45.59 31.20
N PRO B 109 5.18 -44.45 30.85
CA PRO B 109 6.50 -44.57 30.27
C PRO B 109 7.56 -44.97 31.29
N LYS B 110 8.52 -45.78 30.82
CA LYS B 110 9.62 -46.28 31.63
C LYS B 110 10.33 -45.08 32.21
N ASN B 111 10.59 -44.09 31.36
CA ASN B 111 11.25 -42.84 31.79
C ASN B 111 10.39 -41.59 31.73
N PRO B 112 10.68 -40.61 32.60
CA PRO B 112 10.03 -39.31 32.59
C PRO B 112 9.78 -38.75 31.20
N ALA B 113 8.50 -38.59 30.87
CA ALA B 113 8.06 -38.16 29.53
C ALA B 113 7.87 -36.66 29.38
N PRO B 114 8.07 -36.14 28.17
CA PRO B 114 7.76 -34.73 27.95
C PRO B 114 6.27 -34.47 28.19
N VAL B 115 5.93 -33.25 28.61
CA VAL B 115 4.58 -32.89 29.00
C VAL B 115 4.08 -31.78 28.13
N MET B 116 2.87 -31.92 27.63
CA MET B 116 2.27 -30.88 26.81
C MET B 116 1.01 -30.46 27.47
N VAL B 117 0.84 -29.15 27.65
CA VAL B 117 -0.27 -28.58 28.37
C VAL B 117 -1.05 -27.65 27.47
N TRP B 118 -2.35 -27.94 27.37
CA TRP B 118 -3.23 -27.31 26.38
C TRP B 118 -4.18 -26.25 26.96
N ILE B 119 -4.17 -25.08 26.34
CA ILE B 119 -5.03 -24.01 26.75
C ILE B 119 -5.97 -23.68 25.62
N TYR B 120 -7.21 -24.11 25.79
CA TYR B 120 -8.22 -23.90 24.78
C TYR B 120 -8.42 -22.42 24.56
N GLY B 121 -8.84 -22.13 23.33
CA GLY B 121 -9.33 -20.81 22.92
C GLY B 121 -10.82 -20.69 23.00
N GLY B 122 -11.36 -19.64 22.40
CA GLY B 122 -12.78 -19.26 22.63
C GLY B 122 -12.95 -17.79 22.99
N GLY B 123 -11.97 -16.97 22.60
CA GLY B 123 -12.03 -15.51 22.72
C GLY B 123 -12.12 -15.03 24.14
N PHE B 124 -11.64 -15.88 25.04
CA PHE B 124 -11.79 -15.70 26.46
C PHE B 124 -13.24 -15.62 26.98
N TYR B 125 -14.26 -15.81 26.13
CA TYR B 125 -15.70 -15.85 26.53
C TYR B 125 -16.33 -17.27 26.57
N SER B 126 -15.58 -18.26 26.10
CA SER B 126 -16.12 -19.59 25.87
C SER B 126 -15.05 -20.61 25.84
N GLY B 127 -15.46 -21.86 25.84
CA GLY B 127 -14.53 -22.98 25.78
C GLY B 127 -14.55 -23.94 26.95
N SER B 128 -13.92 -25.08 26.72
CA SER B 128 -13.83 -26.10 27.73
C SER B 128 -12.90 -27.17 27.29
N SER B 129 -12.28 -27.80 28.25
CA SER B 129 -11.39 -28.87 27.96
C SER B 129 -12.12 -30.13 27.49
N SER B 130 -13.44 -30.23 27.59
CA SER B 130 -14.14 -31.53 27.33
C SER B 130 -14.58 -31.77 25.84
N LEU B 131 -14.35 -30.76 24.99
CA LEU B 131 -14.76 -30.84 23.59
C LEU B 131 -14.08 -32.01 22.94
N ASP B 132 -14.83 -32.63 22.04
CA ASP B 132 -14.40 -33.82 21.27
C ASP B 132 -13.05 -33.56 20.60
N VAL B 133 -12.89 -32.34 20.12
CA VAL B 133 -11.74 -32.04 19.33
C VAL B 133 -10.47 -31.86 20.13
N TYR B 134 -10.57 -31.73 21.45
CA TYR B 134 -9.36 -31.64 22.28
C TYR B 134 -9.10 -32.97 22.99
N ASP B 135 -9.60 -34.06 22.43
CA ASP B 135 -9.30 -35.38 22.97
C ASP B 135 -7.80 -35.75 22.82
N GLY B 136 -7.18 -35.92 23.96
CA GLY B 136 -5.78 -36.21 24.03
C GLY B 136 -5.31 -37.62 23.74
N ARG B 137 -6.21 -38.55 23.42
CA ARG B 137 -5.81 -39.98 23.47
C ARG B 137 -4.85 -40.36 22.34
N PHE B 138 -5.05 -39.82 21.16
CA PHE B 138 -4.23 -40.16 19.99
C PHE B 138 -2.83 -39.58 20.08
N LEU B 139 -2.71 -38.35 20.59
CA LEU B 139 -1.41 -37.72 20.69
C LEU B 139 -0.60 -38.42 21.73
N VAL B 140 -1.22 -38.78 22.83
CA VAL B 140 -0.48 -39.44 23.89
C VAL B 140 0.02 -40.79 23.37
N ARG B 141 -0.89 -41.58 22.80
CA ARG B 141 -0.53 -42.89 22.31
C ARG B 141 0.55 -42.83 21.26
N THR B 142 0.29 -42.04 20.24
CA THR B 142 1.14 -41.99 19.11
C THR B 142 2.53 -41.46 19.37
N GLU B 143 2.71 -40.44 20.23
CA GLU B 143 4.05 -39.83 20.52
C GLU B 143 4.54 -40.03 21.93
N ARG B 144 3.85 -40.81 22.74
CA ARG B 144 4.41 -41.17 24.05
C ARG B 144 4.69 -39.86 24.85
N VAL B 145 3.70 -39.01 24.86
CA VAL B 145 3.74 -37.68 25.48
C VAL B 145 2.73 -37.67 26.60
N VAL B 146 2.97 -36.94 27.68
CA VAL B 146 1.89 -36.80 28.68
C VAL B 146 1.25 -35.48 28.44
N LEU B 147 -0.08 -35.48 28.33
CA LEU B 147 -0.87 -34.29 27.97
C LEU B 147 -1.76 -33.84 29.12
N VAL B 148 -1.75 -32.55 29.43
CA VAL B 148 -2.66 -31.99 30.42
C VAL B 148 -3.50 -30.90 29.75
N SER B 149 -4.78 -30.78 30.15
CA SER B 149 -5.59 -29.59 29.80
C SER B 149 -6.43 -29.20 31.00
N MET B 150 -6.64 -27.89 31.17
CA MET B 150 -7.42 -27.34 32.29
C MET B 150 -8.63 -26.52 31.81
N ASN B 151 -9.72 -26.54 32.55
CA ASN B 151 -10.70 -25.51 32.39
C ASN B 151 -10.20 -24.27 33.12
N TYR B 152 -10.51 -23.11 32.57
CA TYR B 152 -10.20 -21.88 33.21
C TYR B 152 -11.42 -21.02 33.01
N ARG B 153 -11.61 -20.04 33.90
CA ARG B 153 -12.82 -19.24 33.93
C ARG B 153 -12.81 -18.28 32.78
N VAL B 154 -13.95 -18.20 32.09
CA VAL B 154 -14.08 -17.29 30.93
C VAL B 154 -15.13 -16.27 31.22
N GLY B 155 -15.30 -15.33 30.30
CA GLY B 155 -16.30 -14.30 30.43
C GLY B 155 -16.00 -13.42 31.62
N ALA B 156 -17.06 -12.78 32.11
CA ALA B 156 -16.97 -11.96 33.30
C ALA B 156 -16.36 -12.74 34.47
N PHE B 157 -16.58 -14.05 34.52
CA PHE B 157 -16.14 -14.85 35.66
C PHE B 157 -14.64 -14.96 35.74
N GLY B 158 -14.01 -14.87 34.59
CA GLY B 158 -12.57 -15.00 34.53
C GLY B 158 -11.85 -13.69 34.26
N PHE B 159 -12.55 -12.67 33.80
CA PHE B 159 -11.88 -11.49 33.32
C PHE B 159 -12.54 -10.16 33.60
N LEU B 160 -13.68 -10.12 34.23
CA LEU B 160 -14.24 -8.86 34.68
C LEU B 160 -13.28 -8.27 35.69
N ALA B 161 -13.01 -6.98 35.60
CA ALA B 161 -12.04 -6.36 36.51
C ALA B 161 -12.46 -4.98 36.94
N LEU B 162 -12.22 -4.68 38.20
CA LEU B 162 -12.25 -3.29 38.68
C LEU B 162 -10.87 -2.99 39.14
N PRO B 163 -10.00 -2.61 38.20
CA PRO B 163 -8.56 -2.58 38.51
C PRO B 163 -8.26 -1.79 39.77
N GLY B 164 -7.40 -2.31 40.63
CA GLY B 164 -7.08 -1.67 41.90
C GLY B 164 -7.62 -2.42 43.08
N SER B 165 -8.79 -3.04 42.89
CA SER B 165 -9.51 -3.68 43.96
C SER B 165 -9.02 -5.09 44.22
N ARG B 166 -9.32 -5.61 45.39
CA ARG B 166 -8.86 -6.96 45.65
C ARG B 166 -10.04 -7.91 45.49
N GLU B 167 -11.25 -7.35 45.35
CA GLU B 167 -12.43 -8.16 45.19
C GLU B 167 -12.59 -8.65 43.74
N ALA B 168 -12.08 -7.86 42.79
CA ALA B 168 -12.06 -8.22 41.39
C ALA B 168 -10.83 -7.64 40.64
N PRO B 169 -9.67 -8.21 40.92
CA PRO B 169 -8.39 -7.63 40.45
C PRO B 169 -8.10 -7.74 38.97
N GLY B 170 -8.83 -8.61 38.28
CA GLY B 170 -8.54 -8.90 36.91
C GLY B 170 -7.73 -10.17 36.80
N ASN B 171 -7.80 -10.75 35.60
CA ASN B 171 -6.95 -11.80 35.11
C ASN B 171 -7.08 -13.14 35.76
N VAL B 172 -8.23 -13.42 36.35
CA VAL B 172 -8.29 -14.61 37.14
C VAL B 172 -8.39 -15.86 36.28
N GLY B 173 -8.93 -15.72 35.07
CA GLY B 173 -8.86 -16.80 34.11
C GLY B 173 -7.40 -17.21 33.91
N LEU B 174 -6.52 -16.24 33.76
CA LEU B 174 -5.12 -16.53 33.61
C LEU B 174 -4.54 -17.20 34.86
N LEU B 175 -4.91 -16.70 36.03
CA LEU B 175 -4.42 -17.28 37.27
C LEU B 175 -4.89 -18.71 37.40
N ASP B 176 -6.10 -19.01 36.95
CA ASP B 176 -6.56 -20.42 36.91
C ASP B 176 -5.57 -21.26 36.12
N GLN B 177 -5.16 -20.73 34.97
CA GLN B 177 -4.17 -21.45 34.18
C GLN B 177 -2.85 -21.60 34.95
N ARG B 178 -2.33 -20.52 35.56
CA ARG B 178 -1.09 -20.59 36.32
C ARG B 178 -1.14 -21.68 37.40
N LEU B 179 -2.19 -21.64 38.18
CA LEU B 179 -2.39 -22.60 39.23
C LEU B 179 -2.38 -24.04 38.67
N ALA B 180 -2.96 -24.26 37.51
CA ALA B 180 -2.94 -25.58 36.89
C ALA B 180 -1.54 -25.99 36.55
N LEU B 181 -0.81 -25.06 35.98
CA LEU B 181 0.60 -25.26 35.64
C LEU B 181 1.42 -25.57 36.87
N GLN B 182 1.11 -24.91 37.98
CA GLN B 182 1.72 -25.27 39.26
C GLN B 182 1.36 -26.66 39.65
N TRP B 183 0.12 -27.08 39.45
CA TRP B 183 -0.26 -28.42 39.83
C TRP B 183 0.50 -29.40 39.00
N VAL B 184 0.71 -29.09 37.73
CA VAL B 184 1.56 -29.92 36.89
C VAL B 184 2.99 -30.01 37.50
N GLN B 185 3.60 -28.91 37.92
CA GLN B 185 4.92 -29.03 38.56
C GLN B 185 4.95 -30.06 39.70
N GLU B 186 3.91 -30.04 40.50
CA GLU B 186 3.92 -30.74 41.76
C GLU B 186 3.48 -32.18 41.59
N ASN B 187 2.88 -32.55 40.47
CA ASN B 187 2.23 -33.85 40.37
C ASN B 187 2.41 -34.63 39.09
N ILE B 188 2.82 -34.07 37.95
CA ILE B 188 2.80 -34.98 36.78
C ILE B 188 3.83 -36.08 36.93
N ALA B 189 4.86 -35.91 37.74
CA ALA B 189 5.78 -37.04 38.03
C ALA B 189 4.98 -38.35 38.33
N ALA B 190 3.95 -38.25 39.15
CA ALA B 190 3.10 -39.39 39.52
C ALA B 190 2.40 -40.07 38.32
N PHE B 191 2.24 -39.32 37.23
CA PHE B 191 1.59 -39.80 36.00
C PHE B 191 2.61 -40.16 34.95
N GLY B 192 3.89 -40.07 35.31
CA GLY B 192 4.98 -40.49 34.42
C GLY B 192 5.56 -39.33 33.63
N GLY B 193 5.18 -38.11 33.97
CA GLY B 193 5.58 -36.96 33.18
C GLY B 193 6.72 -36.28 33.87
N ASP B 194 7.41 -35.45 33.10
CA ASP B 194 8.63 -34.79 33.51
C ASP B 194 8.42 -33.31 33.70
N PRO B 195 8.40 -32.90 34.97
CA PRO B 195 8.18 -31.50 35.27
C PRO B 195 9.20 -30.57 34.66
N THR B 196 10.35 -31.09 34.23
CA THR B 196 11.40 -30.26 33.62
C THR B 196 11.23 -30.05 32.12
N SER B 197 10.27 -30.72 31.51
CA SER B 197 10.00 -30.54 30.08
C SER B 197 8.49 -30.30 29.86
N VAL B 198 8.05 -29.06 30.12
CA VAL B 198 6.62 -28.73 30.00
C VAL B 198 6.44 -27.78 28.85
N THR B 199 5.77 -28.25 27.81
CA THR B 199 5.59 -27.42 26.63
C THR B 199 4.16 -26.90 26.62
N LEU B 200 4.04 -25.59 26.54
CA LEU B 200 2.78 -24.98 26.71
C LEU B 200 2.21 -24.74 25.36
N PHE B 201 0.95 -25.11 25.08
CA PHE B 201 0.41 -24.80 23.75
C PHE B 201 -1.04 -24.49 23.74
N GLY B 202 -1.46 -23.59 22.86
CA GLY B 202 -2.86 -23.21 22.80
C GLY B 202 -3.17 -22.48 21.52
N GLU B 203 -4.45 -22.14 21.32
CA GLU B 203 -4.95 -21.68 20.04
C GLU B 203 -5.89 -20.52 20.22
N SER B 204 -5.71 -19.46 19.39
CA SER B 204 -6.55 -18.26 19.42
C SER B 204 -6.27 -17.61 20.78
N ALA B 205 -7.31 -17.32 21.57
CA ALA B 205 -7.19 -16.88 22.96
C ALA B 205 -6.30 -17.73 23.82
N GLY B 206 -6.24 -19.01 23.52
CA GLY B 206 -5.38 -19.92 24.22
C GLY B 206 -3.94 -19.63 23.91
N ALA B 207 -3.70 -19.24 22.67
CA ALA B 207 -2.37 -18.87 22.25
C ALA B 207 -1.99 -17.54 22.87
N ALA B 208 -2.88 -16.56 22.78
CA ALA B 208 -2.66 -15.31 23.49
C ALA B 208 -2.31 -15.59 24.94
N SER B 209 -3.01 -16.55 25.55
CA SER B 209 -2.80 -16.91 26.93
C SER B 209 -1.36 -17.37 27.09
N VAL B 210 -0.91 -18.25 26.21
CA VAL B 210 0.42 -18.79 26.33
C VAL B 210 1.43 -17.66 26.29
N GLY B 211 1.15 -16.68 25.45
CA GLY B 211 2.01 -15.53 25.32
C GLY B 211 2.01 -14.70 26.60
N MET B 212 0.86 -14.57 27.20
CA MET B 212 0.83 -13.85 28.45
C MET B 212 1.62 -14.49 29.56
N HIS B 213 1.68 -15.81 29.54
CA HIS B 213 2.50 -16.49 30.50
C HIS B 213 3.99 -16.27 30.20
N LEU B 214 4.36 -16.25 28.93
CA LEU B 214 5.75 -15.92 28.58
C LEU B 214 6.14 -14.50 28.99
N LEU B 215 5.15 -13.60 29.09
CA LEU B 215 5.37 -12.19 29.43
C LEU B 215 5.15 -11.86 30.90
N SER B 216 4.77 -12.83 31.70
CA SER B 216 4.37 -12.54 33.07
C SER B 216 5.38 -13.11 34.03
N PRO B 217 6.07 -12.23 34.76
CA PRO B 217 7.07 -12.71 35.72
C PRO B 217 6.56 -13.82 36.66
N PRO B 218 5.39 -13.64 37.27
CA PRO B 218 4.99 -14.71 38.19
C PRO B 218 4.71 -16.13 37.61
N SER B 219 4.83 -16.33 36.30
CA SER B 219 4.62 -17.63 35.67
C SER B 219 5.94 -18.24 35.33
N ARG B 220 6.98 -17.94 36.09
CA ARG B 220 8.33 -18.06 35.58
C ARG B 220 8.99 -19.44 35.45
N GLY B 221 8.87 -20.32 36.40
CA GLY B 221 9.55 -21.61 36.20
C GLY B 221 8.55 -22.70 35.89
N LEU B 222 7.49 -22.39 35.15
CA LEU B 222 6.35 -23.27 35.05
C LEU B 222 6.27 -24.02 33.73
N PHE B 223 7.04 -23.58 32.74
CA PHE B 223 7.16 -24.31 31.49
C PHE B 223 8.46 -23.98 30.78
N HIS B 224 8.80 -24.77 29.74
CA HIS B 224 10.15 -24.70 29.13
C HIS B 224 10.16 -24.35 27.67
N ARG B 225 9.04 -24.53 26.98
CA ARG B 225 8.87 -24.17 25.56
C ARG B 225 7.37 -23.80 25.31
N ALA B 226 7.06 -23.25 24.15
CA ALA B 226 5.72 -22.75 23.91
C ALA B 226 5.34 -22.76 22.43
N ILE B 227 4.05 -22.90 22.18
CA ILE B 227 3.53 -23.07 20.84
C ILE B 227 2.24 -22.30 20.81
N LEU B 228 2.16 -21.31 19.92
CA LEU B 228 1.05 -20.42 19.82
C LEU B 228 0.44 -20.66 18.44
N GLN B 229 -0.76 -21.22 18.41
CA GLN B 229 -1.52 -21.40 17.17
C GLN B 229 -2.59 -20.34 17.00
N SER B 230 -2.51 -19.55 15.92
CA SER B 230 -3.51 -18.57 15.55
C SER B 230 -3.86 -17.57 16.66
N GLY B 231 -2.83 -17.10 17.32
CA GLY B 231 -3.00 -16.05 18.29
C GLY B 231 -1.71 -15.59 18.92
N ALA B 232 -1.74 -14.40 19.50
CA ALA B 232 -0.54 -13.73 20.03
C ALA B 232 -0.99 -12.81 21.14
N PRO B 233 -0.17 -12.63 22.16
CA PRO B 233 -0.64 -11.83 23.27
C PRO B 233 -0.75 -10.37 22.92
N ASN B 234 -0.08 -9.95 21.86
CA ASN B 234 -0.13 -8.53 21.48
C ASN B 234 -1.18 -8.28 20.44
N ALA B 235 -2.25 -9.02 20.46
CA ALA B 235 -3.24 -8.85 19.45
C ALA B 235 -4.24 -7.83 19.97
N PRO B 236 -4.89 -7.07 19.09
CA PRO B 236 -5.75 -6.01 19.55
C PRO B 236 -7.05 -6.46 20.21
N TRP B 237 -7.37 -7.76 20.14
CA TRP B 237 -8.54 -8.27 20.85
C TRP B 237 -8.13 -8.86 22.17
N ALA B 238 -6.83 -9.06 22.34
CA ALA B 238 -6.34 -9.92 23.42
C ALA B 238 -6.32 -9.28 24.82
N TYR B 239 -6.29 -7.95 24.89
CA TYR B 239 -6.21 -7.32 26.16
C TYR B 239 -6.88 -6.00 26.16
N VAL B 240 -7.07 -5.46 27.35
CA VAL B 240 -7.75 -4.21 27.44
C VAL B 240 -7.04 -3.38 28.57
N SER B 241 -7.07 -2.07 28.45
CA SER B 241 -6.55 -1.16 29.50
C SER B 241 -7.39 -1.15 30.80
N ARG B 242 -6.82 -0.64 31.89
CA ARG B 242 -7.54 -0.54 33.15
C ARG B 242 -8.81 0.27 32.94
N GLU B 243 -8.70 1.35 32.21
CA GLU B 243 -9.81 2.29 32.06
C GLU B 243 -10.94 1.60 31.32
N GLU B 244 -10.59 0.90 30.24
CA GLU B 244 -11.61 0.24 29.47
C GLU B 244 -12.24 -0.94 30.26
N ALA B 245 -11.43 -1.69 30.98
CA ALA B 245 -11.96 -2.77 31.78
C ALA B 245 -12.93 -2.22 32.81
N ARG B 246 -12.59 -1.08 33.41
CA ARG B 246 -13.42 -0.49 34.44
C ARG B 246 -14.72 -0.04 33.80
N ARG B 247 -14.64 0.56 32.63
CA ARG B 247 -15.83 1.01 31.95
C ARG B 247 -16.80 -0.16 31.71
N ARG B 248 -16.24 -1.31 31.32
CA ARG B 248 -17.03 -2.47 30.97
C ARG B 248 -17.61 -3.23 32.17
N ALA B 249 -16.91 -3.24 33.28
CA ALA B 249 -17.43 -3.93 34.45
C ALA B 249 -18.58 -3.11 35.02
N LEU B 250 -18.48 -1.79 34.89
CA LEU B 250 -19.54 -0.87 35.33
C LEU B 250 -20.78 -1.01 34.47
N GLN B 251 -20.55 -1.27 33.20
CA GLN B 251 -21.66 -1.36 32.27
C GLN B 251 -22.40 -2.66 32.53
N LEU B 252 -21.66 -3.73 32.76
CA LEU B 252 -22.27 -5.01 33.10
C LEU B 252 -23.10 -4.88 34.37
N ALA B 253 -22.58 -4.17 35.36
CA ALA B 253 -23.28 -3.99 36.61
C ALA B 253 -24.61 -3.28 36.37
N LYS B 254 -24.59 -2.27 35.50
CA LYS B 254 -25.79 -1.52 35.17
C LYS B 254 -26.76 -2.42 34.40
N LEU B 255 -26.24 -3.18 33.43
CA LEU B 255 -27.11 -4.10 32.70
C LEU B 255 -27.80 -5.15 33.56
N VAL B 256 -27.14 -5.62 34.61
CA VAL B 256 -27.82 -6.58 35.53
C VAL B 256 -28.64 -5.93 36.63
N GLY B 257 -28.77 -4.60 36.60
CA GLY B 257 -29.66 -3.90 37.53
C GLY B 257 -29.04 -3.39 38.81
N CYS B 258 -27.71 -3.41 38.93
CA CYS B 258 -27.08 -2.91 40.15
C CYS B 258 -27.19 -1.44 40.11
N PRO B 259 -27.19 -0.79 41.28
CA PRO B 259 -27.08 0.68 41.25
C PRO B 259 -25.65 1.15 40.89
N PRO B 260 -25.47 2.43 40.54
CA PRO B 260 -24.19 2.95 39.97
C PRO B 260 -23.00 3.08 40.94
N ASN B 266 -16.80 1.18 47.76
CA ASN B 266 -17.77 1.45 46.66
C ASN B 266 -17.48 0.68 45.33
N ASP B 267 -16.22 0.27 45.12
CA ASP B 267 -15.97 -0.96 44.39
C ASP B 267 -16.44 -2.17 45.21
N THR B 268 -16.30 -2.09 46.52
CA THR B 268 -16.82 -3.15 47.37
C THR B 268 -18.33 -3.40 47.17
N GLU B 269 -19.13 -2.35 47.10
CA GLU B 269 -20.58 -2.52 46.94
C GLU B 269 -20.96 -2.99 45.52
N LEU B 270 -20.23 -2.51 44.54
CA LEU B 270 -20.52 -2.88 43.17
C LEU B 270 -20.26 -4.37 42.91
N VAL B 271 -19.10 -4.86 43.37
CA VAL B 271 -18.79 -6.27 43.26
C VAL B 271 -19.70 -7.12 44.12
N ALA B 272 -20.01 -6.65 45.31
CA ALA B 272 -20.99 -7.35 46.12
C ALA B 272 -22.30 -7.59 45.33
N CYS B 273 -22.78 -6.55 44.63
CA CYS B 273 -23.99 -6.64 43.85
C CYS B 273 -23.81 -7.59 42.65
N LEU B 274 -22.71 -7.43 41.92
CA LEU B 274 -22.33 -8.38 40.90
C LEU B 274 -22.26 -9.81 41.40
N ARG B 275 -21.83 -10.01 42.63
CA ARG B 275 -21.75 -11.35 43.20
C ARG B 275 -23.09 -11.96 43.53
N ASN B 276 -24.14 -11.17 43.73
CA ASN B 276 -25.39 -11.76 44.21
C ASN B 276 -26.33 -12.16 43.07
N ARG B 277 -26.09 -11.60 41.86
CA ARG B 277 -26.80 -12.00 40.63
C ARG B 277 -26.32 -13.40 40.22
N PRO B 278 -27.18 -14.16 39.56
CA PRO B 278 -26.80 -15.45 39.07
C PRO B 278 -26.05 -15.44 37.74
N PRO B 279 -25.29 -16.50 37.53
CA PRO B 279 -24.36 -16.41 36.42
C PRO B 279 -25.04 -16.20 35.08
N GLN B 280 -26.24 -16.77 34.85
CA GLN B 280 -26.90 -16.68 33.53
C GLN B 280 -27.19 -15.23 33.24
N GLU B 281 -27.53 -14.49 34.33
CA GLU B 281 -27.84 -13.06 34.24
C GLU B 281 -26.59 -12.30 33.81
N LEU B 282 -25.43 -12.68 34.30
CA LEU B 282 -24.22 -12.05 33.77
C LEU B 282 -23.96 -12.37 32.30
N VAL B 283 -24.16 -13.63 31.91
CA VAL B 283 -23.90 -14.05 30.54
C VAL B 283 -24.92 -13.39 29.59
N ASN B 284 -26.18 -13.28 29.99
CA ASN B 284 -27.17 -12.68 29.14
C ASN B 284 -26.92 -11.22 28.76
N HIS B 285 -26.00 -10.50 29.40
CA HIS B 285 -25.74 -9.09 29.04
C HIS B 285 -24.33 -8.86 28.53
N GLU B 286 -23.61 -9.95 28.32
CA GLU B 286 -22.17 -9.91 28.06
C GLU B 286 -21.69 -9.16 26.79
N TRP B 287 -22.23 -9.53 25.63
CA TRP B 287 -21.91 -8.83 24.37
C TRP B 287 -22.24 -7.32 24.43
N HIS B 288 -23.28 -6.96 25.16
CA HIS B 288 -23.81 -5.60 25.12
C HIS B 288 -23.00 -4.57 25.91
N VAL B 289 -21.87 -4.97 26.47
CA VAL B 289 -20.93 -3.99 27.05
C VAL B 289 -19.87 -3.46 26.07
N LEU B 290 -19.85 -4.00 24.85
CA LEU B 290 -18.86 -3.58 23.87
C LEU B 290 -19.21 -2.22 23.24
N PRO B 291 -18.19 -1.35 23.06
CA PRO B 291 -18.43 0.05 22.62
C PRO B 291 -19.11 0.19 21.26
N GLN B 292 -19.01 -0.83 20.40
CA GLN B 292 -19.68 -0.84 19.08
C GLN B 292 -20.10 -2.26 18.72
N GLU B 293 -20.97 -2.39 17.72
CA GLU B 293 -21.23 -3.68 17.05
C GLU B 293 -19.98 -4.01 16.17
N SER B 294 -19.42 -5.20 16.38
CA SER B 294 -18.13 -5.53 15.79
C SER B 294 -18.00 -7.03 15.62
N VAL B 295 -16.92 -7.44 14.98
CA VAL B 295 -16.50 -8.83 15.05
C VAL B 295 -15.07 -8.88 15.57
N PHE B 296 -14.67 -10.03 16.08
CA PHE B 296 -13.34 -10.22 16.67
C PHE B 296 -13.04 -9.29 17.83
N ARG B 297 -14.05 -9.00 18.65
CA ARG B 297 -13.86 -8.29 19.94
C ARG B 297 -14.66 -9.01 20.99
N PHE B 298 -14.07 -9.18 22.16
CA PHE B 298 -14.69 -9.93 23.23
C PHE B 298 -14.72 -9.04 24.49
N SER B 299 -15.75 -9.19 25.31
CA SER B 299 -16.01 -8.20 26.38
C SER B 299 -15.05 -8.32 27.55
N PHE B 300 -14.88 -9.50 28.09
CA PHE B 300 -14.00 -9.69 29.22
C PHE B 300 -12.79 -10.52 28.84
N VAL B 301 -11.67 -9.79 28.80
CA VAL B 301 -10.39 -10.30 28.37
C VAL B 301 -9.34 -9.85 29.36
N PRO B 302 -8.10 -10.30 29.19
CA PRO B 302 -7.06 -9.84 30.08
C PRO B 302 -6.93 -8.32 30.16
N VAL B 303 -6.69 -7.88 31.38
CA VAL B 303 -6.50 -6.46 31.65
C VAL B 303 -5.05 -6.19 31.96
N VAL B 304 -4.57 -5.03 31.60
CA VAL B 304 -3.20 -4.66 31.92
C VAL B 304 -3.14 -4.15 33.35
N ASP B 305 -2.65 -4.95 34.26
CA ASP B 305 -2.86 -4.69 35.69
C ASP B 305 -1.58 -4.24 36.43
N GLY B 306 -0.44 -4.26 35.74
CA GLY B 306 0.85 -4.01 36.43
C GLY B 306 1.30 -5.14 37.34
N ASP B 307 0.71 -6.31 37.22
CA ASP B 307 1.04 -7.41 38.10
C ASP B 307 1.23 -8.65 37.19
N PHE B 308 0.15 -9.38 36.89
CA PHE B 308 0.25 -10.45 35.90
C PHE B 308 0.82 -9.92 34.55
N LEU B 309 0.29 -8.79 34.07
CA LEU B 309 0.85 -8.03 32.96
C LEU B 309 1.48 -6.75 33.42
N PRO B 310 2.78 -6.68 33.40
CA PRO B 310 3.41 -5.43 33.89
C PRO B 310 3.08 -4.26 33.03
N ASP B 311 2.89 -4.51 31.73
CA ASP B 311 2.59 -3.43 30.80
C ASP B 311 1.78 -4.05 29.65
N THR B 312 1.44 -3.27 28.63
CA THR B 312 0.83 -3.87 27.49
C THR B 312 1.79 -4.88 26.91
N PRO B 313 1.23 -5.96 26.36
CA PRO B 313 2.10 -6.92 25.69
C PRO B 313 2.94 -6.33 24.59
N GLU B 314 2.42 -5.35 23.85
CA GLU B 314 3.22 -4.66 22.84
C GLU B 314 4.48 -4.05 23.44
N ALA B 315 4.30 -3.32 24.51
CA ALA B 315 5.40 -2.58 25.11
C ALA B 315 6.42 -3.58 25.60
N LEU B 316 5.91 -4.67 26.19
CA LEU B 316 6.76 -5.66 26.77
C LEU B 316 7.61 -6.38 25.74
N ILE B 317 7.01 -6.85 24.65
CA ILE B 317 7.84 -7.54 23.65
C ILE B 317 8.76 -6.54 22.99
N ASN B 318 8.25 -5.36 22.63
CA ASN B 318 9.10 -4.35 22.00
C ASN B 318 10.26 -4.01 22.88
N ASN B 319 10.14 -4.14 24.19
CA ASN B 319 11.24 -3.83 25.10
C ASN B 319 12.14 -5.01 25.43
N GLY B 320 11.83 -6.19 24.93
CA GLY B 320 12.48 -7.42 25.35
C GLY B 320 12.16 -8.00 26.75
N ASP B 321 11.05 -7.57 27.37
CA ASP B 321 10.71 -8.10 28.70
C ASP B 321 10.00 -9.47 28.61
N PHE B 322 10.78 -10.51 28.36
CA PHE B 322 10.22 -11.86 28.31
C PHE B 322 11.26 -12.96 28.42
N LYS B 323 10.75 -14.15 28.74
CA LYS B 323 11.53 -15.38 28.75
C LYS B 323 11.83 -15.75 27.28
N GLY B 324 13.13 -15.78 26.91
CA GLY B 324 13.55 -16.14 25.54
C GLY B 324 13.44 -17.62 25.14
N LEU B 325 12.41 -18.31 25.64
CA LEU B 325 12.12 -19.70 25.31
C LEU B 325 11.95 -19.98 23.82
N ASP B 326 12.25 -21.22 23.44
CA ASP B 326 11.99 -21.68 22.08
C ASP B 326 10.50 -21.52 21.90
N VAL B 327 10.07 -21.13 20.70
CA VAL B 327 8.66 -21.04 20.39
C VAL B 327 8.38 -21.50 18.96
N LEU B 328 7.17 -21.97 18.76
CA LEU B 328 6.74 -22.42 17.46
C LEU B 328 5.38 -21.76 17.24
N VAL B 329 5.24 -20.98 16.21
CA VAL B 329 4.01 -20.20 16.06
C VAL B 329 3.54 -20.23 14.62
N GLY B 330 2.26 -20.03 14.41
CA GLY B 330 1.80 -20.03 13.05
C GLY B 330 0.35 -19.70 12.98
N VAL B 331 -0.20 -19.81 11.77
CA VAL B 331 -1.52 -19.28 11.46
C VAL B 331 -2.12 -20.16 10.38
N ASN B 332 -3.40 -19.97 10.07
CA ASN B 332 -4.06 -20.73 9.02
C ASN B 332 -4.30 -19.81 7.86
N LYS B 333 -4.64 -20.35 6.69
CA LYS B 333 -4.59 -19.59 5.43
C LYS B 333 -5.67 -18.54 5.35
N ASP B 334 -6.81 -18.81 5.96
CA ASP B 334 -7.95 -17.89 5.92
C ASP B 334 -8.45 -17.59 7.33
N GLU B 335 -7.59 -16.98 8.11
CA GLU B 335 -7.88 -16.61 9.47
C GLU B 335 -9.16 -15.81 9.66
N GLY B 336 -9.42 -14.89 8.76
CA GLY B 336 -10.51 -13.96 8.94
C GLY B 336 -11.89 -14.46 8.58
N SER B 337 -11.99 -15.50 7.77
CA SER B 337 -13.29 -15.84 7.14
C SER B 337 -14.37 -16.21 8.16
N TYR B 338 -14.03 -17.06 9.13
CA TYR B 338 -14.97 -17.49 10.20
C TYR B 338 -15.73 -16.33 10.86
N PHE B 339 -15.01 -15.26 11.18
CA PHE B 339 -15.55 -14.22 12.01
C PHE B 339 -16.53 -13.36 11.25
N LEU B 340 -16.38 -13.36 9.94
CA LEU B 340 -17.15 -12.41 9.13
C LEU B 340 -18.64 -12.70 9.14
N VAL B 341 -19.02 -13.99 9.28
CA VAL B 341 -20.44 -14.37 9.32
C VAL B 341 -21.12 -13.93 10.61
N TYR B 342 -20.34 -13.43 11.55
CA TYR B 342 -20.87 -12.93 12.81
C TYR B 342 -21.26 -11.43 12.87
N GLY B 343 -21.49 -10.81 11.71
CA GLY B 343 -22.03 -9.46 11.67
C GLY B 343 -21.64 -8.56 10.49
N ALA B 344 -20.69 -9.00 9.68
CA ALA B 344 -20.38 -8.28 8.45
C ALA B 344 -21.50 -8.41 7.37
N PRO B 345 -22.09 -7.28 6.94
CA PRO B 345 -23.19 -7.40 5.97
C PRO B 345 -22.80 -8.22 4.75
N GLY B 346 -23.73 -9.03 4.25
CA GLY B 346 -23.55 -9.82 3.04
C GLY B 346 -22.86 -11.16 3.23
N PHE B 347 -22.54 -11.50 4.49
CA PHE B 347 -21.81 -12.73 4.76
C PHE B 347 -22.72 -13.75 5.39
N SER B 348 -22.32 -15.00 5.23
CA SER B 348 -23.18 -16.16 5.51
C SER B 348 -22.52 -17.44 5.02
N LYS B 349 -22.75 -18.51 5.75
CA LYS B 349 -22.19 -19.81 5.40
C LYS B 349 -22.98 -20.52 4.30
N ASP B 350 -24.10 -19.93 3.89
CA ASP B 350 -25.09 -20.59 3.06
C ASP B 350 -25.08 -20.08 1.64
N ASN B 351 -24.16 -19.16 1.31
CA ASN B 351 -23.86 -18.88 -0.10
C ASN B 351 -22.38 -18.50 -0.26
N GLU B 352 -21.97 -18.05 -1.45
CA GLU B 352 -20.60 -17.63 -1.68
C GLU B 352 -20.31 -16.22 -1.11
N SER B 353 -21.34 -15.52 -0.63
CA SER B 353 -21.12 -14.26 0.11
C SER B 353 -20.41 -13.28 -0.80
N LEU B 354 -20.93 -13.18 -2.02
CA LEU B 354 -20.38 -12.28 -3.03
C LEU B 354 -20.90 -10.88 -2.71
N ILE B 355 -20.22 -10.24 -1.79
CA ILE B 355 -20.60 -8.93 -1.29
C ILE B 355 -20.45 -7.83 -2.34
N SER B 356 -21.19 -6.75 -2.11
CA SER B 356 -21.13 -5.56 -2.95
C SER B 356 -19.98 -4.74 -2.39
N ARG B 357 -19.61 -3.69 -3.10
CA ARG B 357 -18.56 -2.81 -2.66
C ARG B 357 -19.02 -1.95 -1.47
N GLU B 358 -20.26 -1.45 -1.47
CA GLU B 358 -20.80 -0.70 -0.31
C GLU B 358 -20.78 -1.63 0.93
N GLU B 359 -21.01 -2.93 0.73
CA GLU B 359 -20.90 -3.93 1.81
C GLU B 359 -19.45 -4.17 2.35
N PHE B 360 -18.48 -4.18 1.44
CA PHE B 360 -17.07 -4.14 1.77
C PHE B 360 -16.74 -2.93 2.68
N LEU B 361 -17.21 -1.75 2.30
CA LEU B 361 -16.84 -0.52 3.01
C LEU B 361 -17.45 -0.47 4.42
N GLU B 362 -18.69 -0.94 4.59
CA GLU B 362 -19.32 -1.03 5.94
C GLU B 362 -18.52 -2.08 6.72
N GLY B 363 -18.18 -3.14 6.00
CA GLY B 363 -17.49 -4.28 6.53
C GLY B 363 -16.20 -3.91 7.22
N VAL B 364 -15.50 -2.92 6.66
CA VAL B 364 -14.27 -2.46 7.27
C VAL B 364 -14.49 -1.87 8.65
N ARG B 365 -15.58 -1.14 8.82
CA ARG B 365 -15.95 -0.57 10.14
C ARG B 365 -16.34 -1.61 11.18
N VAL B 366 -16.92 -2.69 10.71
CA VAL B 366 -17.28 -3.80 11.59
C VAL B 366 -16.04 -4.61 11.95
N GLY B 367 -15.21 -4.90 10.96
CA GLY B 367 -14.01 -5.72 11.19
C GLY B 367 -12.85 -5.05 11.92
N VAL B 368 -12.83 -3.72 11.87
CA VAL B 368 -11.78 -2.92 12.51
C VAL B 368 -12.48 -1.82 13.30
N PRO B 369 -13.02 -2.20 14.44
CA PRO B 369 -13.93 -1.29 15.07
C PRO B 369 -13.20 -0.15 15.76
N GLN B 370 -13.91 0.96 15.87
CA GLN B 370 -13.46 2.15 16.59
C GLN B 370 -12.11 2.70 16.11
N VAL B 371 -12.04 3.07 14.84
CA VAL B 371 -10.90 3.81 14.31
C VAL B 371 -11.47 4.98 13.59
N SER B 372 -10.64 5.98 13.31
CA SER B 372 -11.07 7.21 12.61
C SER B 372 -11.50 6.92 11.17
N ASP B 373 -12.42 7.75 10.67
CA ASP B 373 -12.71 7.80 9.24
C ASP B 373 -11.40 7.69 8.39
N LEU B 374 -10.42 8.53 8.67
CA LEU B 374 -9.18 8.51 7.90
C LEU B 374 -8.48 7.14 7.93
N ALA B 375 -8.66 6.39 9.01
CA ALA B 375 -7.93 5.13 9.14
C ALA B 375 -8.63 4.05 8.30
N ALA B 376 -9.96 4.05 8.32
CA ALA B 376 -10.78 3.28 7.37
C ALA B 376 -10.30 3.52 5.94
N GLU B 377 -10.12 4.79 5.56
CA GLU B 377 -9.63 5.12 4.21
C GLU B 377 -8.31 4.39 3.89
N ALA B 378 -7.39 4.42 4.83
CA ALA B 378 -6.08 3.79 4.64
C ALA B 378 -6.16 2.27 4.51
N ILE B 379 -7.17 1.67 5.16
CA ILE B 379 -7.40 0.24 5.08
C ILE B 379 -8.03 -0.09 3.72
N VAL B 380 -9.04 0.69 3.36
CA VAL B 380 -9.66 0.49 2.07
C VAL B 380 -8.57 0.59 1.00
N LEU B 381 -7.67 1.57 1.13
CA LEU B 381 -6.63 1.72 0.11
C LEU B 381 -5.81 0.46 0.01
N HIS B 382 -5.34 -0.02 1.13
CA HIS B 382 -4.46 -1.17 1.06
C HIS B 382 -5.12 -2.44 0.58
N TYR B 383 -6.45 -2.56 0.72
CA TYR B 383 -7.10 -3.87 0.57
C TYR B 383 -8.13 -3.81 -0.55
N THR B 384 -7.77 -3.04 -1.56
CA THR B 384 -8.50 -2.98 -2.77
C THR B 384 -7.53 -3.30 -3.89
N ASP B 385 -7.95 -4.20 -4.80
CA ASP B 385 -7.39 -4.27 -6.14
C ASP B 385 -8.07 -3.15 -6.99
N TRP B 386 -7.31 -2.13 -7.36
CA TRP B 386 -7.88 -0.88 -7.91
C TRP B 386 -8.14 -0.93 -9.40
N LEU B 387 -7.54 -1.93 -10.04
CA LEU B 387 -7.96 -2.35 -11.37
C LEU B 387 -9.44 -2.83 -11.41
N HIS B 388 -9.86 -3.52 -10.34
CA HIS B 388 -11.11 -4.28 -10.29
C HIS B 388 -11.77 -4.10 -8.92
N PRO B 389 -12.01 -2.86 -8.51
CA PRO B 389 -12.56 -2.58 -7.17
C PRO B 389 -14.04 -3.03 -6.97
N GLU B 390 -14.61 -3.67 -7.99
CA GLU B 390 -16.03 -3.98 -8.00
C GLU B 390 -16.28 -5.47 -7.98
N ASP B 391 -15.27 -6.29 -8.30
CA ASP B 391 -15.41 -7.75 -8.21
C ASP B 391 -15.91 -8.16 -6.77
N PRO B 392 -17.06 -8.87 -6.68
CA PRO B 392 -17.51 -9.35 -5.37
C PRO B 392 -16.56 -10.37 -4.72
N ALA B 393 -16.17 -11.40 -5.45
CA ALA B 393 -15.18 -12.34 -4.92
C ALA B 393 -13.94 -11.67 -4.26
N LYS B 394 -13.49 -10.56 -4.82
CA LYS B 394 -12.22 -9.99 -4.38
C LYS B 394 -12.42 -9.14 -3.16
N ASN B 395 -13.53 -8.42 -3.15
CA ASN B 395 -13.99 -7.67 -2.03
C ASN B 395 -14.27 -8.62 -0.84
N ARG B 396 -14.96 -9.71 -1.11
CA ARG B 396 -15.16 -10.73 -0.10
C ARG B 396 -13.85 -11.21 0.51
N ASP B 397 -12.92 -11.66 -0.33
CA ASP B 397 -11.64 -12.17 0.16
C ASP B 397 -10.75 -11.12 0.77
N ALA B 398 -11.03 -9.87 0.45
CA ALA B 398 -10.17 -8.82 0.87
C ALA B 398 -10.55 -8.41 2.27
N LEU B 399 -11.85 -8.36 2.57
CA LEU B 399 -12.29 -8.15 3.96
C LEU B 399 -11.86 -9.29 4.89
N SER B 400 -11.82 -10.50 4.36
CA SER B 400 -11.33 -11.64 5.11
C SER B 400 -9.85 -11.49 5.41
N ASP B 401 -9.11 -10.85 4.51
CA ASP B 401 -7.69 -10.57 4.80
C ASP B 401 -7.55 -9.40 5.81
N VAL B 402 -8.35 -8.36 5.65
CA VAL B 402 -8.33 -7.26 6.59
C VAL B 402 -8.49 -7.78 8.02
N VAL B 403 -9.51 -8.58 8.24
CA VAL B 403 -9.84 -9.06 9.56
C VAL B 403 -8.79 -10.02 10.07
N GLY B 404 -8.33 -10.91 9.23
CA GLY B 404 -7.40 -11.92 9.67
C GLY B 404 -5.98 -11.40 9.81
N ASP B 405 -5.65 -10.32 9.11
CA ASP B 405 -4.30 -9.76 9.20
C ASP B 405 -4.17 -8.90 10.48
N HIS B 406 -5.15 -8.08 10.69
CA HIS B 406 -5.17 -7.16 11.81
C HIS B 406 -5.18 -7.93 13.14
N ASN B 407 -5.91 -9.06 13.19
CA ASN B 407 -6.29 -9.71 14.47
C ASN B 407 -5.40 -10.89 14.75
N VAL B 408 -4.97 -11.61 13.70
CA VAL B 408 -4.15 -12.78 13.93
C VAL B 408 -2.76 -12.61 13.32
N ILE B 409 -2.68 -12.44 12.00
CA ILE B 409 -1.40 -12.68 11.30
C ILE B 409 -0.30 -11.67 11.62
N CYS B 410 -0.61 -10.40 11.54
CA CYS B 410 0.39 -9.38 11.88
C CYS B 410 0.78 -9.33 13.38
N PRO B 411 -0.17 -9.56 14.31
CA PRO B 411 0.29 -9.74 15.67
C PRO B 411 1.25 -10.92 15.87
N VAL B 412 1.00 -12.05 15.21
CA VAL B 412 1.93 -13.18 15.32
C VAL B 412 3.26 -12.83 14.67
N ALA B 413 3.26 -12.04 13.60
CA ALA B 413 4.54 -11.69 12.92
C ALA B 413 5.38 -10.84 13.83
N GLN B 414 4.79 -9.80 14.38
CA GLN B 414 5.46 -8.91 15.33
C GLN B 414 5.96 -9.71 16.52
N PHE B 415 5.16 -10.65 17.02
CA PHE B 415 5.56 -11.52 18.10
C PHE B 415 6.77 -12.33 17.69
N ALA B 416 6.74 -12.90 16.50
CA ALA B 416 7.89 -13.68 15.99
C ALA B 416 9.14 -12.85 15.70
N GLN B 417 9.00 -11.66 15.07
CA GLN B 417 10.14 -10.76 14.91
C GLN B 417 10.76 -10.50 16.27
N ARG B 418 9.96 -9.99 17.21
CA ARG B 418 10.54 -9.56 18.46
C ARG B 418 11.16 -10.72 19.18
N TYR B 419 10.55 -11.90 19.15
CA TYR B 419 11.20 -13.03 19.82
C TYR B 419 12.54 -13.36 19.16
N ALA B 420 12.62 -13.34 17.83
CA ALA B 420 13.87 -13.77 17.16
C ALA B 420 15.02 -12.78 17.39
N ALA B 421 14.72 -11.50 17.26
CA ALA B 421 15.64 -10.40 17.58
C ALA B 421 16.28 -10.47 18.97
N ASN B 422 15.59 -11.06 19.94
CA ASN B 422 16.14 -11.19 21.29
C ASN B 422 16.69 -12.58 21.53
N GLY B 423 17.10 -13.26 20.47
CA GLY B 423 17.86 -14.52 20.58
C GLY B 423 17.13 -15.84 20.69
N ALA B 424 15.81 -15.84 20.62
CA ALA B 424 15.03 -17.10 20.72
C ALA B 424 14.99 -17.89 19.42
N ARG B 425 14.94 -19.22 19.54
CA ARG B 425 14.74 -20.06 18.38
C ARG B 425 13.24 -20.01 18.15
N VAL B 426 12.86 -19.72 16.92
CA VAL B 426 11.49 -19.53 16.56
C VAL B 426 11.22 -20.37 15.32
N TYR B 427 10.20 -21.23 15.36
CA TYR B 427 9.71 -21.89 14.12
C TYR B 427 8.32 -21.32 13.74
N ALA B 428 8.07 -21.18 12.45
CA ALA B 428 6.84 -20.55 11.98
C ALA B 428 6.17 -21.35 10.87
N TYR B 429 4.84 -21.37 10.86
CA TYR B 429 4.12 -22.15 9.89
C TYR B 429 2.94 -21.35 9.43
N VAL B 430 2.43 -21.66 8.25
CA VAL B 430 1.07 -21.34 7.83
C VAL B 430 0.46 -22.70 7.43
N PHE B 431 -0.66 -23.03 8.03
CA PHE B 431 -1.35 -24.28 7.84
C PHE B 431 -2.40 -24.11 6.74
N GLU B 432 -2.30 -24.94 5.70
CA GLU B 432 -3.10 -24.73 4.47
C GLU B 432 -4.00 -25.90 4.03
N HIS B 433 -4.09 -26.94 4.84
CA HIS B 433 -4.94 -28.06 4.48
C HIS B 433 -6.34 -27.90 4.98
N ARG B 434 -7.29 -27.85 4.05
CA ARG B 434 -8.70 -27.76 4.37
C ARG B 434 -9.29 -29.16 4.56
N SER B 435 -9.78 -29.45 5.76
CA SER B 435 -10.24 -30.82 6.08
C SER B 435 -11.29 -31.33 5.10
N SER B 436 -11.17 -32.61 4.75
CA SER B 436 -12.13 -33.30 3.90
C SER B 436 -13.56 -33.24 4.43
N THR B 437 -13.69 -33.11 5.76
CA THR B 437 -14.98 -33.19 6.48
C THR B 437 -15.45 -31.82 6.97
N LEU B 438 -14.92 -30.74 6.39
CA LEU B 438 -15.21 -29.39 6.91
C LEU B 438 -16.64 -28.93 6.61
N PRO B 439 -17.39 -28.62 7.65
CA PRO B 439 -18.78 -28.23 7.47
C PRO B 439 -18.98 -26.84 6.92
N TRP B 440 -17.94 -26.02 6.96
CA TRP B 440 -18.05 -24.64 6.47
C TRP B 440 -17.97 -24.59 4.93
N PRO B 441 -18.65 -23.67 4.26
CA PRO B 441 -18.51 -23.66 2.80
C PRO B 441 -17.08 -23.41 2.26
N GLU B 442 -16.85 -23.76 0.98
CA GLU B 442 -15.62 -23.31 0.28
C GLU B 442 -15.91 -21.84 0.19
N TRP B 443 -14.87 -21.06 0.27
CA TRP B 443 -14.93 -19.59 0.24
C TRP B 443 -14.29 -19.18 1.51
N MET B 444 -14.69 -19.87 2.57
CA MET B 444 -14.05 -19.73 3.86
C MET B 444 -12.66 -20.36 3.90
N GLY B 445 -12.35 -21.20 2.93
CA GLY B 445 -10.99 -21.74 2.80
C GLY B 445 -10.59 -22.57 4.01
N VAL B 446 -9.45 -22.24 4.60
CA VAL B 446 -8.92 -22.98 5.71
C VAL B 446 -9.02 -22.07 6.91
N PRO B 447 -10.17 -22.10 7.59
CA PRO B 447 -10.44 -21.14 8.63
C PRO B 447 -9.76 -21.41 9.94
N HIS B 448 -9.81 -20.37 10.75
CA HIS B 448 -9.40 -20.41 12.15
C HIS B 448 -9.99 -21.62 12.89
N GLY B 449 -9.13 -22.40 13.54
CA GLY B 449 -9.53 -23.54 14.38
C GLY B 449 -9.39 -24.93 13.76
N TYR B 450 -9.23 -24.95 12.44
CA TYR B 450 -9.40 -26.19 11.75
C TYR B 450 -8.08 -26.89 11.50
N GLU B 451 -7.06 -26.51 12.27
CA GLU B 451 -5.80 -27.26 12.36
C GLU B 451 -5.73 -28.12 13.59
N ILE B 452 -6.57 -27.80 14.55
CA ILE B 452 -6.50 -28.42 15.88
C ILE B 452 -6.77 -29.92 15.75
N GLU B 453 -7.86 -30.29 15.05
CA GLU B 453 -8.20 -31.69 14.85
C GLU B 453 -6.97 -32.49 14.34
N PHE B 454 -6.14 -31.84 13.51
CA PHE B 454 -4.93 -32.50 12.98
C PHE B 454 -3.84 -32.65 14.02
N ILE B 455 -3.53 -31.57 14.74
CA ILE B 455 -2.54 -31.62 15.83
C ILE B 455 -2.94 -32.68 16.86
N PHE B 456 -4.25 -32.81 17.16
CA PHE B 456 -4.74 -33.77 18.18
C PHE B 456 -4.87 -35.24 17.71
N GLY B 457 -4.53 -35.42 16.43
CA GLY B 457 -4.54 -36.71 15.77
C GLY B 457 -5.94 -37.25 15.62
N ILE B 458 -6.93 -36.38 15.43
CA ILE B 458 -8.31 -36.84 15.38
C ILE B 458 -8.55 -37.77 14.20
N PRO B 459 -7.83 -37.59 13.09
CA PRO B 459 -8.14 -38.48 11.97
C PRO B 459 -7.85 -39.93 12.25
N LEU B 460 -6.98 -40.21 13.21
CA LEU B 460 -6.77 -41.59 13.67
C LEU B 460 -8.01 -42.27 14.32
N ASP B 461 -9.14 -41.57 14.48
CA ASP B 461 -10.29 -42.18 15.13
C ASP B 461 -11.10 -42.96 14.11
N PRO B 462 -11.09 -44.30 14.25
CA PRO B 462 -11.69 -45.18 13.24
C PRO B 462 -13.17 -44.88 12.97
N SER B 463 -13.89 -44.37 13.98
CA SER B 463 -15.30 -43.97 13.82
C SER B 463 -15.51 -42.68 12.98
N ARG B 464 -14.43 -42.01 12.59
CA ARG B 464 -14.52 -40.77 11.80
C ARG B 464 -14.03 -40.99 10.36
N ASN B 465 -14.34 -40.02 9.49
CA ASN B 465 -14.35 -40.23 8.05
C ASN B 465 -13.23 -39.48 7.30
N TYR B 466 -12.00 -39.62 7.78
CA TYR B 466 -10.93 -38.81 7.23
C TYR B 466 -10.21 -39.64 6.16
N THR B 467 -9.49 -38.98 5.24
CA THR B 467 -8.79 -39.72 4.16
C THR B 467 -7.51 -40.38 4.62
N LYS B 468 -7.08 -41.37 3.85
CA LYS B 468 -5.80 -42.02 4.07
C LYS B 468 -4.67 -41.01 4.24
N GLU B 469 -4.68 -39.98 3.37
CA GLU B 469 -3.67 -38.92 3.34
C GLU B 469 -3.74 -38.01 4.59
N GLU B 470 -4.95 -37.58 4.92
CA GLU B 470 -5.25 -36.93 6.20
C GLU B 470 -4.66 -37.65 7.42
N LYS B 471 -4.82 -38.97 7.57
CA LYS B 471 -4.13 -39.68 8.69
C LYS B 471 -2.61 -39.55 8.62
N ILE B 472 -2.05 -39.50 7.40
CA ILE B 472 -0.61 -39.47 7.24
C ILE B 472 -0.13 -38.10 7.65
N PHE B 473 -0.80 -37.09 7.10
CA PHE B 473 -0.64 -35.70 7.50
C PHE B 473 -0.66 -35.49 9.05
N ALA B 474 -1.78 -35.86 9.68
CA ALA B 474 -1.87 -35.82 11.11
C ALA B 474 -0.66 -36.37 11.81
N ARG B 475 -0.05 -37.43 11.31
CA ARG B 475 1.07 -38.03 12.08
C ARG B 475 2.29 -37.16 11.99
N ARG B 476 2.45 -36.47 10.87
CA ARG B 476 3.60 -35.60 10.70
C ARG B 476 3.51 -34.41 11.65
N LEU B 477 2.32 -33.81 11.73
CA LEU B 477 2.07 -32.67 12.60
C LEU B 477 2.28 -33.01 14.07
N MET B 478 1.78 -34.17 14.52
CA MET B 478 1.98 -34.56 15.90
C MET B 478 3.45 -34.76 16.08
N ARG B 479 4.11 -35.21 15.03
CA ARG B 479 5.55 -35.45 15.05
C ARG B 479 6.27 -34.13 15.21
N TYR B 480 5.99 -33.19 14.31
CA TYR B 480 6.51 -31.81 14.45
C TYR B 480 6.26 -31.22 15.85
N TRP B 481 5.00 -31.20 16.26
CA TRP B 481 4.68 -30.63 17.58
C TRP B 481 5.48 -31.30 18.72
N ALA B 482 5.55 -32.62 18.68
CA ALA B 482 6.09 -33.38 19.78
C ALA B 482 7.63 -33.36 19.79
N ASN B 483 8.23 -33.27 18.60
CA ASN B 483 9.69 -33.11 18.51
C ASN B 483 10.03 -31.74 19.06
N PHE B 484 9.23 -30.73 18.71
CA PHE B 484 9.36 -29.43 19.39
C PHE B 484 9.23 -29.57 20.92
N ALA B 485 8.26 -30.32 21.40
CA ALA B 485 8.12 -30.52 22.81
C ALA B 485 9.39 -31.06 23.47
N ARG B 486 9.95 -32.12 22.88
CA ARG B 486 11.12 -32.83 23.45
C ARG B 486 12.44 -32.03 23.37
N THR B 487 12.64 -31.30 22.26
CA THR B 487 13.98 -30.76 21.92
C THR B 487 14.05 -29.24 21.67
N GLY B 488 12.91 -28.62 21.33
CA GLY B 488 12.85 -27.24 20.85
C GLY B 488 12.94 -27.15 19.34
N ASP B 489 13.02 -28.30 18.68
CA ASP B 489 13.23 -28.35 17.26
C ASP B 489 12.24 -29.38 16.77
N PRO B 490 11.43 -29.02 15.78
CA PRO B 490 10.48 -30.01 15.29
C PRO B 490 11.05 -31.08 14.30
N ASN B 491 12.27 -30.91 13.77
CA ASN B 491 12.81 -31.85 12.78
C ASN B 491 13.43 -33.09 13.48
N GLU B 492 13.64 -34.19 12.72
CA GLU B 492 14.52 -35.31 13.14
C GLU B 492 15.32 -35.88 11.94
N PRO B 493 16.45 -36.63 12.17
CA PRO B 493 17.10 -37.28 11.01
C PRO B 493 16.19 -38.24 10.22
N PRO B 499 13.35 -33.05 4.41
CA PRO B 499 13.16 -31.62 4.12
C PRO B 499 13.04 -30.81 5.42
N GLN B 500 13.96 -29.88 5.65
CA GLN B 500 14.02 -29.18 6.93
C GLN B 500 12.97 -28.08 7.09
N TRP B 501 12.47 -27.95 8.32
CA TRP B 501 11.71 -26.78 8.74
C TRP B 501 12.78 -25.88 9.35
N PRO B 502 13.08 -24.73 8.74
CA PRO B 502 14.16 -23.89 9.28
C PRO B 502 13.72 -22.82 10.29
N PRO B 503 14.64 -22.43 11.19
CA PRO B 503 14.27 -21.34 12.11
C PRO B 503 13.88 -20.04 11.40
N TYR B 504 12.81 -19.42 11.89
CA TYR B 504 12.45 -18.04 11.57
C TYR B 504 13.44 -17.07 12.24
N THR B 505 14.08 -16.22 11.43
CA THR B 505 15.07 -15.21 11.90
C THR B 505 14.49 -13.83 11.52
N ALA B 506 14.93 -12.78 12.20
CA ALA B 506 14.41 -11.46 11.91
C ALA B 506 14.86 -10.90 10.55
N ASP B 507 16.06 -11.28 10.08
CA ASP B 507 16.55 -10.84 8.76
C ASP B 507 15.77 -11.54 7.64
N GLU B 508 15.76 -12.87 7.65
CA GLU B 508 15.20 -13.66 6.52
C GLU B 508 13.70 -14.05 6.60
N GLN B 509 13.17 -14.18 7.84
CA GLN B 509 11.75 -14.46 8.11
C GLN B 509 11.20 -15.73 7.45
N LYS B 510 11.89 -16.87 7.61
CA LYS B 510 11.49 -18.14 6.93
C LYS B 510 10.40 -18.87 7.70
N TYR B 511 9.41 -19.32 6.95
CA TYR B 511 8.30 -20.11 7.46
C TYR B 511 7.86 -21.21 6.48
N VAL B 512 7.13 -22.21 6.98
CA VAL B 512 6.75 -23.32 6.17
C VAL B 512 5.27 -23.52 6.13
N SER B 513 4.78 -23.99 4.98
CA SER B 513 3.42 -24.43 4.83
C SER B 513 3.29 -25.92 5.20
N LEU B 514 2.11 -26.23 5.70
CA LEU B 514 1.81 -27.50 6.23
C LEU B 514 0.56 -27.86 5.51
N ASP B 515 0.66 -28.86 4.64
CA ASP B 515 -0.50 -29.58 4.12
C ASP B 515 -0.01 -30.92 3.59
N LEU B 516 -0.76 -31.49 2.65
CA LEU B 516 -0.56 -32.86 2.19
C LEU B 516 0.82 -33.03 1.59
N ARG B 517 1.21 -32.05 0.77
CA ARG B 517 2.49 -32.03 0.08
C ARG B 517 3.61 -31.80 1.07
N PRO B 518 4.87 -32.02 0.67
CA PRO B 518 5.91 -31.87 1.69
C PRO B 518 6.13 -30.40 1.94
N LEU B 519 6.86 -30.12 3.02
CA LEU B 519 7.16 -28.76 3.42
C LEU B 519 7.69 -27.93 2.26
N GLU B 520 7.07 -26.79 2.04
CA GLU B 520 7.59 -25.77 1.12
C GLU B 520 7.98 -24.51 1.96
N VAL B 521 9.25 -24.13 1.92
CA VAL B 521 9.75 -22.90 2.59
C VAL B 521 9.35 -21.63 1.84
N ARG B 522 9.02 -20.57 2.59
CA ARG B 522 8.63 -19.24 2.05
C ARG B 522 9.16 -18.15 2.99
N ARG B 523 8.96 -16.88 2.63
CA ARG B 523 9.67 -15.79 3.30
C ARG B 523 8.73 -14.63 3.56
N GLY B 524 8.75 -14.14 4.80
CA GLY B 524 7.95 -13.00 5.19
C GLY B 524 6.47 -13.27 5.23
N LEU B 525 5.91 -13.25 6.45
CA LEU B 525 4.47 -13.41 6.67
C LEU B 525 3.73 -12.13 6.35
N ARG B 526 3.15 -12.10 5.16
CA ARG B 526 2.45 -10.91 4.71
C ARG B 526 3.15 -9.67 5.18
N ALA B 527 4.43 -9.59 4.81
CA ALA B 527 5.33 -8.50 5.19
C ALA B 527 4.85 -7.13 4.80
N GLN B 528 4.27 -6.99 3.61
CA GLN B 528 3.82 -5.66 3.16
C GLN B 528 2.61 -5.27 3.97
N ALA B 529 1.66 -6.19 4.04
CA ALA B 529 0.46 -5.95 4.80
C ALA B 529 0.80 -5.62 6.25
N CYS B 530 1.69 -6.40 6.86
CA CYS B 530 1.96 -6.21 8.28
C CYS B 530 2.78 -4.95 8.57
N ALA B 531 3.49 -4.44 7.56
CA ALA B 531 4.14 -3.14 7.73
C ALA B 531 3.07 -2.07 7.84
N PHE B 532 2.00 -2.20 7.08
CA PHE B 532 0.88 -1.26 7.21
C PHE B 532 0.34 -1.32 8.66
N TRP B 533 0.08 -2.50 9.21
CA TRP B 533 -0.56 -2.57 10.52
C TRP B 533 0.45 -2.28 11.61
N ASN B 534 1.71 -2.67 11.46
CA ASN B 534 2.64 -2.54 12.57
C ASN B 534 3.43 -1.26 12.60
N ARG B 535 3.71 -0.67 11.44
CA ARG B 535 4.46 0.59 11.37
C ARG B 535 3.58 1.79 11.06
N PHE B 536 2.84 1.72 9.97
CA PHE B 536 2.16 2.93 9.57
C PHE B 536 0.97 3.31 10.42
N LEU B 537 0.10 2.34 10.64
CA LEU B 537 -1.18 2.66 11.24
C LEU B 537 -1.09 3.32 12.62
N PRO B 538 -0.16 2.86 13.47
CA PRO B 538 -0.08 3.48 14.80
C PRO B 538 0.28 4.98 14.75
N LYS B 539 1.24 5.37 13.88
CA LYS B 539 1.66 6.77 13.70
C LYS B 539 0.50 7.62 13.25
N LEU B 540 -0.31 7.07 12.36
CA LEU B 540 -1.56 7.74 11.98
C LEU B 540 -2.58 7.91 13.15
N LEU B 541 -2.96 6.83 13.85
CA LEU B 541 -3.90 6.93 15.01
C LEU B 541 -3.47 8.00 16.04
N SER B 542 -2.19 7.98 16.44
CA SER B 542 -1.63 8.96 17.40
C SER B 542 -1.42 10.43 16.88
N ALA B 543 -1.75 10.69 15.61
CA ALA B 543 -1.85 12.08 15.09
C ALA B 543 -3.33 12.54 15.07
N THR B 544 -4.15 11.94 15.94
CA THR B 544 -5.58 12.29 16.12
C THR B 544 -6.10 11.84 17.53
P1 VX C . 9.56 19.17 -17.59
O1 VX C . 9.17 19.97 -18.72
O2 VX C . 10.58 18.03 -17.68
C1 VX C . 8.30 18.92 -16.36
C2 VX C . 11.89 18.54 -18.09
C3 VX C . 12.40 19.44 -16.97
O1 MES D . 14.55 19.77 -10.88
C2 MES D . 15.51 19.94 -9.86
C3 MES D . 15.86 21.33 -9.87
N4 MES D . 16.86 21.60 -10.94
C5 MES D . 16.29 21.27 -12.26
C6 MES D . 15.24 20.04 -12.23
C7 MES D . 17.44 22.99 -10.82
C8 MES D . 18.63 22.99 -9.82
S MES D . 18.03 23.66 -8.20
O1S MES D . 19.11 23.56 -7.09
O2S MES D . 16.81 22.94 -7.62
O3S MES D . 17.72 25.14 -8.46
P1 VX E . -10.25 -17.08 19.25
O1 VX E . -10.36 -17.59 20.62
O2 VX E . -11.76 -17.02 18.62
C1 VX E . -9.72 -15.40 19.23
C2 VX E . -12.57 -18.19 18.44
C3 VX E . -13.69 -17.97 19.41
O1 MES F . -16.71 -12.80 16.69
C2 MES F . -17.70 -11.78 16.56
C3 MES F . -18.71 -11.85 17.61
N4 MES F . -19.30 -13.19 17.77
C5 MES F . -18.33 -14.33 17.96
C6 MES F . -17.09 -14.27 17.03
C7 MES F . -20.34 -13.18 18.87
C8 MES F . -21.82 -13.00 18.39
S MES F . -22.24 -11.21 18.66
O1S MES F . -22.95 -11.08 20.04
O2S MES F . -23.22 -10.68 17.58
O3S MES F . -20.95 -10.37 18.54
#